data_7Y7L
#
_entry.id   7Y7L
#
loop_
_entity.id
_entity.type
_entity.pdbx_description
1 polymer 'AN1-type zinc finger protein 1'
2 non-polymer 'ZINC ION'
#
_entity_poly.entity_id   1
_entity_poly.type   'polypeptide(L)'
_entity_poly.pdbx_seq_one_letter_code
;GGSTSYPCSFKDCAERELVAVICPYCEKNFCLRHRHQSDHECEKL
;
_entity_poly.pdbx_strand_id   A
#
loop_
_chem_comp.id
_chem_comp.type
_chem_comp.name
_chem_comp.formula
ZN non-polymer 'ZINC ION' 'Zn 2'
#
# COMPACT_ATOMS: atom_id res chain seq x y z
N GLY A 1 17.23 -16.82 -3.28
CA GLY A 1 17.63 -16.04 -4.44
C GLY A 1 18.15 -14.67 -4.06
N GLY A 2 17.24 -13.79 -3.64
CA GLY A 2 17.65 -12.45 -3.25
C GLY A 2 17.08 -12.04 -1.91
N SER A 3 15.91 -11.40 -1.94
CA SER A 3 15.26 -10.94 -0.72
C SER A 3 13.87 -11.56 -0.58
N THR A 4 13.22 -11.31 0.56
CA THR A 4 11.89 -11.84 0.81
C THR A 4 10.97 -10.78 1.41
N SER A 5 9.92 -10.44 0.68
CA SER A 5 8.97 -9.43 1.14
C SER A 5 7.64 -9.55 0.40
N TYR A 6 6.66 -8.78 0.83
CA TYR A 6 5.34 -8.80 0.20
C TYR A 6 4.74 -7.41 0.11
N PRO A 7 5.18 -6.64 -0.90
CA PRO A 7 4.71 -5.27 -1.12
C PRO A 7 3.26 -5.22 -1.58
N CYS A 8 2.74 -4.01 -1.77
CA CYS A 8 1.36 -3.83 -2.21
C CYS A 8 1.24 -4.06 -3.71
N SER A 9 0.01 -4.20 -4.18
CA SER A 9 -0.25 -4.43 -5.60
C SER A 9 -0.52 -3.12 -6.32
N PHE A 10 0.39 -2.73 -7.21
CA PHE A 10 0.25 -1.49 -7.97
C PHE A 10 1.39 -1.32 -8.97
N LYS A 11 1.09 -0.66 -10.08
CA LYS A 11 2.10 -0.43 -11.11
C LYS A 11 3.04 0.71 -10.73
N ASP A 12 2.50 1.68 -9.98
CA ASP A 12 3.29 2.82 -9.55
C ASP A 12 3.90 2.56 -8.17
N CYS A 13 3.96 1.30 -7.79
CA CYS A 13 4.52 0.92 -6.49
C CYS A 13 6.03 0.80 -6.56
N ALA A 14 6.72 1.55 -5.70
CA ALA A 14 8.18 1.54 -5.66
C ALA A 14 8.69 1.56 -4.22
N GLU A 15 7.97 0.89 -3.33
CA GLU A 15 8.35 0.84 -1.93
C GLU A 15 8.06 -0.54 -1.34
N ARG A 16 9.00 -1.04 -0.55
CA ARG A 16 8.87 -2.35 0.07
C ARG A 16 9.08 -2.27 1.58
N GLU A 17 8.10 -2.74 2.34
CA GLU A 17 8.18 -2.71 3.79
C GLU A 17 7.78 -4.06 4.39
N LEU A 18 7.96 -4.20 5.70
CA LEU A 18 7.62 -5.44 6.39
C LEU A 18 6.11 -5.64 6.43
N VAL A 19 5.41 -4.67 7.00
CA VAL A 19 3.96 -4.73 7.10
C VAL A 19 3.30 -3.53 6.45
N ALA A 20 2.36 -3.79 5.55
CA ALA A 20 1.65 -2.73 4.85
C ALA A 20 0.50 -2.18 5.69
N VAL A 21 0.25 -0.89 5.57
CA VAL A 21 -0.82 -0.24 6.31
C VAL A 21 -2.19 -0.70 5.82
N ILE A 22 -3.16 -0.76 6.73
CA ILE A 22 -4.50 -1.19 6.38
C ILE A 22 -5.46 0.01 6.33
N CYS A 23 -6.08 0.21 5.17
CA CYS A 23 -7.02 1.31 4.99
C CYS A 23 -8.24 1.15 5.89
N PRO A 24 -8.89 2.27 6.24
CA PRO A 24 -10.07 2.28 7.09
C PRO A 24 -11.30 1.67 6.41
N TYR A 25 -11.42 1.92 5.10
CA TYR A 25 -12.54 1.39 4.33
C TYR A 25 -12.09 0.24 3.45
N CYS A 26 -11.01 0.45 2.70
CA CYS A 26 -10.48 -0.58 1.81
C CYS A 26 -9.97 -1.78 2.61
N GLU A 27 -9.51 -1.52 3.83
CA GLU A 27 -8.99 -2.58 4.69
C GLU A 27 -8.01 -3.46 3.93
N LYS A 28 -7.22 -2.84 3.05
CA LYS A 28 -6.24 -3.57 2.26
C LYS A 28 -4.82 -3.15 2.64
N ASN A 29 -3.86 -4.04 2.40
CA ASN A 29 -2.47 -3.76 2.71
C ASN A 29 -1.82 -2.92 1.62
N PHE A 30 -1.32 -1.75 2.00
CA PHE A 30 -0.66 -0.85 1.05
C PHE A 30 0.47 -0.09 1.72
N CYS A 31 1.35 0.47 0.89
CA CYS A 31 2.50 1.23 1.41
C CYS A 31 2.06 2.62 1.89
N LEU A 32 3.01 3.37 2.42
CA LEU A 32 2.73 4.72 2.92
C LEU A 32 2.44 5.68 1.76
N ARG A 33 3.13 5.47 0.64
CA ARG A 33 2.95 6.31 -0.54
C ARG A 33 1.51 6.26 -1.03
N HIS A 34 0.97 5.05 -1.13
CA HIS A 34 -0.40 4.87 -1.59
C HIS A 34 -1.40 5.09 -0.45
N ARG A 35 -0.92 4.92 0.78
CA ARG A 35 -1.77 5.11 1.95
C ARG A 35 -2.46 6.47 1.92
N HIS A 36 -1.80 7.45 1.32
CA HIS A 36 -2.35 8.80 1.22
C HIS A 36 -3.73 8.77 0.57
N GLN A 37 -4.70 9.41 1.22
CA GLN A 37 -6.06 9.46 0.71
C GLN A 37 -6.09 10.00 -0.71
N SER A 38 -5.17 10.92 -1.01
CA SER A 38 -5.09 11.52 -2.34
C SER A 38 -4.51 10.53 -3.35
N ASP A 39 -3.57 9.71 -2.89
CA ASP A 39 -2.94 8.72 -3.75
C ASP A 39 -3.89 7.57 -4.06
N HIS A 40 -4.51 7.03 -3.01
CA HIS A 40 -5.44 5.93 -3.17
C HIS A 40 -6.77 6.40 -3.76
N GLU A 41 -7.16 7.62 -3.39
CA GLU A 41 -8.41 8.20 -3.88
C GLU A 41 -9.61 7.38 -3.40
N CYS A 42 -9.52 6.88 -2.18
CA CYS A 42 -10.60 6.07 -1.61
C CYS A 42 -11.94 6.79 -1.74
N GLU A 43 -12.93 6.09 -2.29
CA GLU A 43 -14.26 6.67 -2.48
C GLU A 43 -14.82 7.15 -1.15
N LYS A 44 -14.53 6.43 -0.08
CA LYS A 44 -15.00 6.79 1.25
C LYS A 44 -13.96 7.60 2.00
N LEU A 45 -13.27 8.48 1.29
CA LEU A 45 -12.24 9.33 1.89
C LEU A 45 -12.79 10.06 3.10
ZN ZN B . 3.27 -0.07 -2.88
ZN ZN C . -7.97 3.20 0.56
N GLY A 1 15.22 -16.20 -1.81
CA GLY A 1 16.44 -16.16 -1.04
C GLY A 1 17.10 -14.79 -1.06
N GLY A 2 17.06 -14.09 0.07
CA GLY A 2 17.66 -12.77 0.14
C GLY A 2 16.78 -11.78 0.87
N SER A 3 16.37 -10.73 0.18
CA SER A 3 15.53 -9.69 0.77
C SER A 3 14.06 -9.91 0.40
N THR A 4 13.54 -11.09 0.73
CA THR A 4 12.16 -11.43 0.43
C THR A 4 11.20 -10.41 1.06
N SER A 5 10.06 -10.22 0.42
CA SER A 5 9.05 -9.28 0.91
C SER A 5 7.76 -9.41 0.12
N TYR A 6 6.73 -8.70 0.57
CA TYR A 6 5.43 -8.71 -0.09
C TYR A 6 4.81 -7.32 -0.13
N PRO A 7 5.26 -6.50 -1.09
CA PRO A 7 4.76 -5.13 -1.25
C PRO A 7 3.33 -5.10 -1.76
N CYS A 8 2.84 -3.90 -2.05
CA CYS A 8 1.48 -3.72 -2.55
C CYS A 8 1.43 -3.89 -4.07
N SER A 9 0.22 -4.07 -4.60
CA SER A 9 0.03 -4.25 -6.03
C SER A 9 -0.25 -2.91 -6.71
N PHE A 10 0.67 -2.48 -7.55
CA PHE A 10 0.53 -1.21 -8.27
C PHE A 10 1.70 -0.98 -9.22
N LYS A 11 1.41 -0.47 -10.40
CA LYS A 11 2.44 -0.20 -11.40
C LYS A 11 3.34 0.96 -10.95
N ASP A 12 2.77 1.89 -10.21
CA ASP A 12 3.52 3.05 -9.71
C ASP A 12 4.08 2.77 -8.33
N CYS A 13 4.17 1.49 -7.97
CA CYS A 13 4.70 1.09 -6.67
C CYS A 13 6.22 0.99 -6.71
N ALA A 14 6.88 1.74 -5.84
CA ALA A 14 8.33 1.74 -5.78
C ALA A 14 8.81 1.67 -4.33
N GLU A 15 8.08 0.95 -3.50
CA GLU A 15 8.43 0.81 -2.09
C GLU A 15 8.13 -0.60 -1.58
N ARG A 16 8.95 -1.06 -0.65
CA ARG A 16 8.78 -2.40 -0.09
C ARG A 16 9.03 -2.40 1.42
N GLU A 17 8.01 -2.80 2.18
CA GLU A 17 8.11 -2.84 3.63
C GLU A 17 7.65 -4.18 4.17
N LEU A 18 7.92 -4.43 5.45
CA LEU A 18 7.54 -5.68 6.09
C LEU A 18 6.03 -5.85 6.09
N VAL A 19 5.33 -4.91 6.72
CA VAL A 19 3.87 -4.95 6.79
C VAL A 19 3.26 -3.71 6.16
N ALA A 20 2.33 -3.91 5.23
CA ALA A 20 1.67 -2.80 4.56
C ALA A 20 0.50 -2.28 5.40
N VAL A 21 0.27 -0.96 5.34
CA VAL A 21 -0.81 -0.35 6.09
C VAL A 21 -2.17 -0.76 5.54
N ILE A 22 -3.16 -0.87 6.42
CA ILE A 22 -4.51 -1.25 6.03
C ILE A 22 -5.47 -0.08 6.15
N CYS A 23 -6.12 0.27 5.04
CA CYS A 23 -7.07 1.37 5.02
C CYS A 23 -8.26 1.07 5.92
N PRO A 24 -8.90 2.14 6.43
CA PRO A 24 -10.06 2.01 7.31
C PRO A 24 -11.30 1.51 6.57
N TYR A 25 -11.44 1.92 5.31
CA TYR A 25 -12.58 1.51 4.49
C TYR A 25 -12.17 0.45 3.48
N CYS A 26 -11.11 0.74 2.74
CA CYS A 26 -10.60 -0.18 1.72
C CYS A 26 -10.09 -1.47 2.37
N GLU A 27 -9.61 -1.36 3.60
CA GLU A 27 -9.09 -2.52 4.32
C GLU A 27 -8.11 -3.31 3.47
N LYS A 28 -7.34 -2.59 2.66
CA LYS A 28 -6.36 -3.21 1.78
C LYS A 28 -4.94 -2.86 2.21
N ASN A 29 -4.02 -3.80 2.03
CA ASN A 29 -2.62 -3.59 2.41
C ASN A 29 -1.88 -2.82 1.32
N PHE A 30 -1.35 -1.66 1.69
CA PHE A 30 -0.61 -0.83 0.74
C PHE A 30 0.52 -0.08 1.44
N CYS A 31 1.42 0.50 0.65
CA CYS A 31 2.54 1.25 1.19
C CYS A 31 2.10 2.62 1.67
N LEU A 32 3.03 3.38 2.24
CA LEU A 32 2.74 4.71 2.75
C LEU A 32 2.47 5.68 1.61
N ARG A 33 3.20 5.50 0.51
CA ARG A 33 3.04 6.36 -0.66
C ARG A 33 1.59 6.33 -1.17
N HIS A 34 1.04 5.13 -1.28
CA HIS A 34 -0.33 4.95 -1.75
C HIS A 34 -1.33 5.15 -0.62
N ARG A 35 -0.86 4.95 0.61
CA ARG A 35 -1.71 5.10 1.78
C ARG A 35 -2.40 6.46 1.78
N HIS A 36 -1.72 7.46 1.23
CA HIS A 36 -2.28 8.81 1.15
C HIS A 36 -3.64 8.80 0.49
N GLN A 37 -4.62 9.40 1.16
CA GLN A 37 -5.99 9.46 0.63
C GLN A 37 -6.00 10.09 -0.76
N SER A 38 -5.08 11.03 -0.98
CA SER A 38 -4.99 11.72 -2.26
C SER A 38 -4.53 10.76 -3.36
N ASP A 39 -3.59 9.88 -3.01
CA ASP A 39 -3.06 8.91 -3.97
C ASP A 39 -4.05 7.75 -4.16
N HIS A 40 -4.52 7.19 -3.05
CA HIS A 40 -5.46 6.08 -3.10
C HIS A 40 -6.79 6.51 -3.71
N GLU A 41 -7.16 7.77 -3.47
CA GLU A 41 -8.41 8.32 -4.00
C GLU A 41 -9.60 7.54 -3.47
N CYS A 42 -9.53 7.15 -2.20
CA CYS A 42 -10.61 6.39 -1.56
C CYS A 42 -11.96 7.08 -1.77
N GLU A 43 -13.01 6.28 -1.89
CA GLU A 43 -14.35 6.82 -2.09
C GLU A 43 -14.94 7.33 -0.77
N LYS A 44 -14.64 6.63 0.32
CA LYS A 44 -15.13 7.00 1.63
C LYS A 44 -14.11 7.86 2.37
N LEU A 45 -13.42 8.74 1.63
CA LEU A 45 -12.43 9.62 2.22
C LEU A 45 -11.93 10.63 1.20
ZN ZN B . 3.35 0.04 -3.09
ZN ZN C . -8.03 3.67 0.77
N GLY A 1 17.55 -16.93 4.57
CA GLY A 1 16.60 -17.02 3.47
C GLY A 1 15.72 -15.79 3.35
N GLY A 2 16.36 -14.63 3.19
CA GLY A 2 15.61 -13.39 3.07
C GLY A 2 15.71 -12.78 1.69
N SER A 3 16.12 -11.51 1.63
CA SER A 3 16.26 -10.81 0.37
C SER A 3 14.98 -10.93 -0.46
N THR A 4 13.84 -10.90 0.22
CA THR A 4 12.54 -11.01 -0.44
C THR A 4 11.49 -10.17 0.27
N SER A 5 10.63 -9.52 -0.51
CA SER A 5 9.57 -8.70 0.05
C SER A 5 8.25 -8.93 -0.67
N TYR A 6 7.19 -8.33 -0.16
CA TYR A 6 5.86 -8.47 -0.75
C TYR A 6 5.08 -7.16 -0.68
N PRO A 7 5.38 -6.25 -1.60
CA PRO A 7 4.71 -4.94 -1.67
C PRO A 7 3.26 -5.05 -2.10
N CYS A 8 2.61 -3.90 -2.28
CA CYS A 8 1.22 -3.86 -2.69
C CYS A 8 1.10 -4.03 -4.21
N SER A 9 -0.12 -4.29 -4.68
CA SER A 9 -0.38 -4.46 -6.10
C SER A 9 -0.74 -3.14 -6.76
N PHE A 10 0.14 -2.65 -7.64
CA PHE A 10 -0.10 -1.39 -8.33
C PHE A 10 1.01 -1.12 -9.34
N LYS A 11 0.62 -0.65 -10.53
CA LYS A 11 1.58 -0.35 -11.58
C LYS A 11 2.55 0.74 -11.13
N ASP A 12 2.06 1.68 -10.34
CA ASP A 12 2.88 2.77 -9.84
C ASP A 12 3.46 2.43 -8.47
N CYS A 13 3.47 1.14 -8.13
CA CYS A 13 3.99 0.69 -6.85
C CYS A 13 5.51 0.60 -6.88
N ALA A 14 6.15 1.33 -5.97
CA ALA A 14 7.61 1.34 -5.89
C ALA A 14 8.08 1.08 -4.46
N GLU A 15 7.36 1.65 -3.50
CA GLU A 15 7.71 1.48 -2.08
C GLU A 15 7.72 0.01 -1.70
N ARG A 16 8.44 -0.31 -0.64
CA ARG A 16 8.55 -1.68 -0.16
C ARG A 16 8.81 -1.72 1.35
N GLU A 17 8.05 -2.56 2.05
CA GLU A 17 8.20 -2.69 3.50
C GLU A 17 7.88 -4.11 3.95
N LEU A 18 8.11 -4.38 5.23
CA LEU A 18 7.84 -5.71 5.79
C LEU A 18 6.35 -5.93 5.95
N VAL A 19 5.63 -4.89 6.33
CA VAL A 19 4.19 -4.98 6.52
C VAL A 19 3.47 -3.78 5.90
N ALA A 20 2.49 -4.05 5.05
CA ALA A 20 1.73 -2.99 4.39
C ALA A 20 0.62 -2.46 5.30
N VAL A 21 0.35 -1.18 5.21
CA VAL A 21 -0.69 -0.55 6.02
C VAL A 21 -2.08 -0.97 5.56
N ILE A 22 -3.01 -1.07 6.50
CA ILE A 22 -4.38 -1.46 6.20
C ILE A 22 -5.33 -0.27 6.27
N CYS A 23 -6.03 -0.02 5.17
CA CYS A 23 -6.97 1.09 5.11
C CYS A 23 -8.14 0.87 6.06
N PRO A 24 -8.75 1.98 6.52
CA PRO A 24 -9.89 1.93 7.44
C PRO A 24 -11.15 1.38 6.78
N TYR A 25 -11.33 1.71 5.50
CA TYR A 25 -12.51 1.25 4.76
C TYR A 25 -12.12 0.14 3.79
N CYS A 26 -11.09 0.38 3.00
CA CYS A 26 -10.62 -0.60 2.02
C CYS A 26 -10.10 -1.85 2.73
N GLU A 27 -9.57 -1.67 3.93
CA GLU A 27 -9.02 -2.78 4.71
C GLU A 27 -8.08 -3.62 3.84
N LYS A 28 -7.35 -2.97 2.95
CA LYS A 28 -6.42 -3.66 2.07
C LYS A 28 -4.97 -3.28 2.41
N ASN A 29 -4.05 -4.18 2.09
CA ASN A 29 -2.63 -3.93 2.35
C ASN A 29 -2.00 -3.07 1.27
N PHE A 30 -1.44 -1.94 1.68
CA PHE A 30 -0.82 -1.02 0.73
C PHE A 30 0.37 -0.30 1.38
N CYS A 31 1.23 0.28 0.54
CA CYS A 31 2.40 1.00 1.03
C CYS A 31 2.02 2.39 1.53
N LEU A 32 3.01 3.11 2.05
CA LEU A 32 2.79 4.45 2.56
C LEU A 32 2.45 5.42 1.42
N ARG A 33 3.07 5.20 0.27
CA ARG A 33 2.84 6.05 -0.90
C ARG A 33 1.37 6.04 -1.30
N HIS A 34 0.79 4.84 -1.37
CA HIS A 34 -0.61 4.69 -1.75
C HIS A 34 -1.52 4.93 -0.55
N ARG A 35 -0.98 4.73 0.65
CA ARG A 35 -1.74 4.93 1.87
C ARG A 35 -2.41 6.30 1.89
N HIS A 36 -1.77 7.27 1.27
CA HIS A 36 -2.31 8.63 1.20
C HIS A 36 -3.72 8.63 0.64
N GLN A 37 -4.64 9.28 1.34
CA GLN A 37 -6.03 9.35 0.91
C GLN A 37 -6.13 9.90 -0.51
N SER A 38 -5.22 10.81 -0.84
CA SER A 38 -5.21 11.42 -2.17
C SER A 38 -4.71 10.44 -3.22
N ASP A 39 -3.75 9.60 -2.83
CA ASP A 39 -3.19 8.61 -3.74
C ASP A 39 -4.17 7.47 -3.98
N HIS A 40 -4.74 6.94 -2.90
CA HIS A 40 -5.70 5.85 -3.00
C HIS A 40 -7.04 6.35 -3.52
N GLU A 41 -7.40 7.57 -3.14
CA GLU A 41 -8.66 8.18 -3.57
C GLU A 41 -9.85 7.38 -3.03
N CYS A 42 -9.71 6.88 -1.81
CA CYS A 42 -10.77 6.10 -1.18
C CYS A 42 -12.10 6.84 -1.26
N GLU A 43 -13.14 6.15 -1.71
CA GLU A 43 -14.46 6.73 -1.83
C GLU A 43 -14.92 7.31 -0.50
N LYS A 44 -14.54 6.64 0.59
CA LYS A 44 -14.92 7.09 1.92
C LYS A 44 -13.82 7.96 2.54
N LEU A 45 -13.21 8.78 1.71
CA LEU A 45 -12.14 9.68 2.17
C LEU A 45 -12.63 10.57 3.29
ZN ZN B . 2.92 -0.22 -3.28
ZN ZN C . -8.09 3.18 0.79
N GLY A 1 18.83 -13.01 -4.61
CA GLY A 1 19.68 -13.54 -3.56
C GLY A 1 19.01 -13.46 -2.20
N GLY A 2 19.63 -12.70 -1.29
CA GLY A 2 19.08 -12.55 0.04
C GLY A 2 18.02 -11.46 0.13
N SER A 3 16.80 -11.81 -0.27
CA SER A 3 15.70 -10.85 -0.24
C SER A 3 14.37 -11.56 -0.05
N THR A 4 13.49 -10.95 0.75
CA THR A 4 12.18 -11.52 1.02
C THR A 4 11.21 -10.46 1.54
N SER A 5 10.16 -10.20 0.76
CA SER A 5 9.16 -9.20 1.15
C SER A 5 7.86 -9.43 0.39
N TYR A 6 6.83 -8.67 0.76
CA TYR A 6 5.53 -8.78 0.12
C TYR A 6 4.83 -7.43 0.05
N PRO A 7 5.23 -6.62 -0.94
CA PRO A 7 4.66 -5.28 -1.13
C PRO A 7 3.21 -5.33 -1.62
N CYS A 8 2.65 -4.17 -1.94
CA CYS A 8 1.28 -4.08 -2.42
C CYS A 8 1.21 -4.31 -3.92
N SER A 9 0.00 -4.54 -4.42
CA SER A 9 -0.20 -4.78 -5.85
C SER A 9 -0.52 -3.48 -6.58
N PHE A 10 0.39 -3.06 -7.45
CA PHE A 10 0.19 -1.82 -8.22
C PHE A 10 1.32 -1.63 -9.21
N LYS A 11 1.04 -0.89 -10.28
CA LYS A 11 2.04 -0.62 -11.32
C LYS A 11 3.01 0.46 -10.86
N ASP A 12 2.51 1.41 -10.08
CA ASP A 12 3.35 2.50 -9.58
C ASP A 12 3.93 2.15 -8.22
N CYS A 13 3.93 0.88 -7.88
CA CYS A 13 4.45 0.41 -6.60
C CYS A 13 5.97 0.23 -6.67
N ALA A 14 6.67 0.80 -5.69
CA ALA A 14 8.13 0.68 -5.65
C ALA A 14 8.61 0.47 -4.22
N GLU A 15 8.01 1.19 -3.27
CA GLU A 15 8.38 1.06 -1.87
C GLU A 15 8.10 -0.35 -1.34
N ARG A 16 8.95 -0.81 -0.46
CA ARG A 16 8.80 -2.15 0.12
C ARG A 16 8.97 -2.11 1.64
N GLU A 17 7.97 -2.59 2.36
CA GLU A 17 8.00 -2.61 3.81
C GLU A 17 7.62 -3.98 4.35
N LEU A 18 7.78 -4.18 5.65
CA LEU A 18 7.45 -5.44 6.30
C LEU A 18 5.95 -5.67 6.32
N VAL A 19 5.23 -4.73 6.90
CA VAL A 19 3.77 -4.81 6.99
C VAL A 19 3.11 -3.63 6.29
N ALA A 20 2.17 -3.93 5.39
CA ALA A 20 1.46 -2.89 4.66
C ALA A 20 0.29 -2.35 5.47
N VAL A 21 0.02 -1.06 5.33
CA VAL A 21 -1.07 -0.42 6.05
C VAL A 21 -2.43 -0.90 5.54
N ILE A 22 -3.40 -0.98 6.45
CA ILE A 22 -4.74 -1.41 6.08
C ILE A 22 -5.74 -0.26 6.19
N CYS A 23 -6.25 0.18 5.03
CA CYS A 23 -7.21 1.27 5.00
C CYS A 23 -8.40 0.98 5.92
N PRO A 24 -9.04 2.05 6.43
CA PRO A 24 -10.18 1.93 7.32
C PRO A 24 -11.43 1.40 6.61
N TYR A 25 -11.57 1.77 5.34
CA TYR A 25 -12.72 1.33 4.54
C TYR A 25 -12.32 0.23 3.57
N CYS A 26 -11.26 0.50 2.81
CA CYS A 26 -10.77 -0.46 1.83
C CYS A 26 -10.25 -1.73 2.51
N GLU A 27 -9.75 -1.56 3.73
CA GLU A 27 -9.22 -2.69 4.48
C GLU A 27 -8.25 -3.51 3.64
N LYS A 28 -7.49 -2.82 2.79
CA LYS A 28 -6.52 -3.49 1.93
C LYS A 28 -5.10 -3.13 2.34
N ASN A 29 -4.19 -4.08 2.19
CA ASN A 29 -2.79 -3.87 2.55
C ASN A 29 -2.06 -3.11 1.44
N PHE A 30 -1.55 -1.93 1.78
CA PHE A 30 -0.83 -1.10 0.81
C PHE A 30 0.32 -0.35 1.49
N CYS A 31 1.22 0.19 0.69
CA CYS A 31 2.36 0.94 1.20
C CYS A 31 1.93 2.35 1.64
N LEU A 32 2.89 3.10 2.18
CA LEU A 32 2.61 4.45 2.65
C LEU A 32 2.38 5.39 1.46
N ARG A 33 3.10 5.15 0.37
CA ARG A 33 2.97 5.97 -0.82
C ARG A 33 1.53 5.95 -1.34
N HIS A 34 0.95 4.75 -1.41
CA HIS A 34 -0.42 4.59 -1.89
C HIS A 34 -1.42 4.85 -0.77
N ARG A 35 -0.97 4.68 0.47
CA ARG A 35 -1.82 4.89 1.63
C ARG A 35 -2.50 6.26 1.56
N HIS A 36 -1.80 7.23 0.98
CA HIS A 36 -2.32 8.59 0.85
C HIS A 36 -3.70 8.58 0.17
N GLN A 37 -4.64 9.31 0.75
CA GLN A 37 -5.99 9.38 0.20
C GLN A 37 -5.96 9.82 -1.26
N SER A 38 -5.00 10.68 -1.59
CA SER A 38 -4.86 11.18 -2.96
C SER A 38 -4.33 10.09 -3.89
N ASP A 39 -3.46 9.24 -3.35
CA ASP A 39 -2.88 8.15 -4.13
C ASP A 39 -3.88 7.02 -4.31
N HIS A 40 -4.50 6.60 -3.22
CA HIS A 40 -5.48 5.52 -3.25
C HIS A 40 -6.77 5.98 -3.91
N GLU A 41 -7.11 7.25 -3.71
CA GLU A 41 -8.32 7.82 -4.28
C GLU A 41 -9.56 7.11 -3.75
N CYS A 42 -9.53 6.75 -2.47
CA CYS A 42 -10.65 6.05 -1.85
C CYS A 42 -11.96 6.79 -2.11
N GLU A 43 -13.01 6.02 -2.41
CA GLU A 43 -14.32 6.61 -2.68
C GLU A 43 -14.79 7.47 -1.51
N LYS A 44 -14.52 6.99 -0.30
CA LYS A 44 -14.92 7.73 0.91
C LYS A 44 -13.95 8.87 1.18
N LEU A 45 -12.76 8.79 0.61
CA LEU A 45 -11.75 9.83 0.80
C LEU A 45 -11.12 10.22 -0.54
ZN ZN B . 3.16 -0.44 -3.04
ZN ZN C . -8.19 3.34 0.64
N GLY A 1 20.14 -16.37 3.49
CA GLY A 1 19.64 -15.36 2.58
C GLY A 1 18.17 -15.51 2.29
N GLY A 2 17.56 -14.47 1.73
CA GLY A 2 16.15 -14.50 1.43
C GLY A 2 15.65 -13.21 0.81
N SER A 3 15.57 -12.16 1.61
CA SER A 3 15.09 -10.87 1.14
C SER A 3 13.66 -10.95 0.64
N THR A 4 12.85 -11.76 1.32
CA THR A 4 11.45 -11.95 0.94
C THR A 4 10.62 -10.73 1.32
N SER A 5 9.56 -10.48 0.56
CA SER A 5 8.69 -9.34 0.81
C SER A 5 7.41 -9.44 -0.01
N TYR A 6 6.47 -8.53 0.25
CA TYR A 6 5.20 -8.53 -0.46
C TYR A 6 4.69 -7.11 -0.64
N PRO A 7 5.23 -6.41 -1.66
CA PRO A 7 4.83 -5.04 -1.98
C PRO A 7 3.42 -4.94 -2.53
N CYS A 8 2.74 -3.84 -2.24
CA CYS A 8 1.38 -3.62 -2.72
C CYS A 8 1.30 -3.78 -4.23
N SER A 9 0.09 -3.90 -4.75
CA SER A 9 -0.12 -4.06 -6.18
C SER A 9 -0.38 -2.72 -6.84
N PHE A 10 0.55 -2.30 -7.70
CA PHE A 10 0.44 -1.03 -8.40
C PHE A 10 1.60 -0.84 -9.37
N LYS A 11 1.29 -0.37 -10.57
CA LYS A 11 2.30 -0.14 -11.59
C LYS A 11 3.22 1.01 -11.20
N ASP A 12 2.66 1.99 -10.49
CA ASP A 12 3.43 3.15 -10.05
C ASP A 12 3.99 2.93 -8.65
N CYS A 13 4.04 1.66 -8.23
CA CYS A 13 4.56 1.31 -6.92
C CYS A 13 6.08 1.22 -6.94
N ALA A 14 6.73 2.01 -6.09
CA ALA A 14 8.19 2.00 -6.01
C ALA A 14 8.65 2.01 -4.56
N GLU A 15 7.90 1.34 -3.69
CA GLU A 15 8.24 1.29 -2.27
C GLU A 15 7.88 -0.09 -1.69
N ARG A 16 8.71 -0.56 -0.76
CA ARG A 16 8.48 -1.85 -0.13
C ARG A 16 8.76 -1.78 1.36
N GLU A 17 7.88 -2.38 2.16
CA GLU A 17 8.04 -2.39 3.61
C GLU A 17 7.71 -3.77 4.19
N LEU A 18 8.30 -4.07 5.34
CA LEU A 18 8.07 -5.35 6.00
C LEU A 18 6.58 -5.62 6.17
N VAL A 19 5.80 -4.55 6.30
CA VAL A 19 4.36 -4.68 6.45
C VAL A 19 3.63 -3.48 5.85
N ALA A 20 2.67 -3.76 4.98
CA ALA A 20 1.90 -2.70 4.33
C ALA A 20 0.75 -2.22 5.24
N VAL A 21 0.45 -0.93 5.16
CA VAL A 21 -0.62 -0.36 5.97
C VAL A 21 -1.99 -0.78 5.45
N ILE A 22 -2.94 -0.94 6.37
CA ILE A 22 -4.29 -1.35 6.01
C ILE A 22 -5.27 -0.19 6.15
N CYS A 23 -6.01 0.09 5.09
CA CYS A 23 -6.99 1.17 5.10
C CYS A 23 -8.14 0.86 6.05
N PRO A 24 -8.79 1.90 6.56
CA PRO A 24 -9.93 1.77 7.48
C PRO A 24 -11.16 1.21 6.80
N TYR A 25 -11.37 1.60 5.54
CA TYR A 25 -12.52 1.14 4.78
C TYR A 25 -12.11 0.08 3.75
N CYS A 26 -11.09 0.40 2.97
CA CYS A 26 -10.58 -0.51 1.95
C CYS A 26 -10.01 -1.77 2.58
N GLU A 27 -9.49 -1.64 3.79
CA GLU A 27 -8.90 -2.77 4.51
C GLU A 27 -7.93 -3.52 3.61
N LYS A 28 -7.20 -2.78 2.78
CA LYS A 28 -6.22 -3.38 1.87
C LYS A 28 -4.81 -2.98 2.26
N ASN A 29 -3.87 -3.91 2.08
CA ASN A 29 -2.47 -3.65 2.42
C ASN A 29 -1.78 -2.86 1.31
N PHE A 30 -1.27 -1.68 1.65
CA PHE A 30 -0.59 -0.83 0.69
C PHE A 30 0.53 -0.04 1.35
N CYS A 31 1.38 0.58 0.53
CA CYS A 31 2.49 1.37 1.05
C CYS A 31 2.01 2.73 1.55
N LEU A 32 2.92 3.51 2.11
CA LEU A 32 2.60 4.83 2.64
C LEU A 32 2.30 5.80 1.50
N ARG A 33 3.01 5.65 0.40
CA ARG A 33 2.83 6.52 -0.76
C ARG A 33 1.39 6.46 -1.26
N HIS A 34 0.87 5.24 -1.39
CA HIS A 34 -0.50 5.04 -1.85
C HIS A 34 -1.50 5.20 -0.70
N ARG A 35 -1.03 4.97 0.52
CA ARG A 35 -1.88 5.09 1.70
C ARG A 35 -2.58 6.44 1.73
N HIS A 36 -1.92 7.46 1.18
CA HIS A 36 -2.48 8.80 1.14
C HIS A 36 -3.87 8.80 0.50
N GLN A 37 -4.82 9.47 1.14
CA GLN A 37 -6.18 9.55 0.63
C GLN A 37 -6.20 10.06 -0.80
N SER A 38 -5.26 10.95 -1.12
CA SER A 38 -5.16 11.52 -2.46
C SER A 38 -4.63 10.50 -3.45
N ASP A 39 -3.72 9.65 -2.98
CA ASP A 39 -3.13 8.62 -3.83
C ASP A 39 -4.11 7.46 -4.05
N HIS A 40 -4.69 6.98 -2.96
CA HIS A 40 -5.64 5.87 -3.03
C HIS A 40 -6.97 6.34 -3.62
N GLU A 41 -7.34 7.58 -3.32
CA GLU A 41 -8.59 8.13 -3.82
C GLU A 41 -9.79 7.36 -3.28
N CYS A 42 -9.70 6.93 -2.03
CA CYS A 42 -10.77 6.18 -1.40
C CYS A 42 -12.11 6.90 -1.55
N GLU A 43 -13.19 6.13 -1.59
CA GLU A 43 -14.53 6.69 -1.73
C GLU A 43 -15.05 7.23 -0.40
N LYS A 44 -14.70 6.53 0.68
CA LYS A 44 -15.14 6.94 2.02
C LYS A 44 -14.05 7.77 2.70
N LEU A 45 -13.38 8.60 1.93
CA LEU A 45 -12.33 9.46 2.47
C LEU A 45 -12.16 10.72 1.63
ZN ZN B . 3.25 0.19 -3.26
ZN ZN C . -8.14 3.40 0.85
N GLY A 1 21.37 -16.21 0.72
CA GLY A 1 20.21 -16.15 1.58
C GLY A 1 19.17 -15.17 1.07
N GLY A 2 19.30 -13.91 1.48
CA GLY A 2 18.35 -12.90 1.06
C GLY A 2 17.08 -12.91 1.88
N SER A 3 16.23 -11.90 1.67
CA SER A 3 14.97 -11.81 2.41
C SER A 3 13.79 -11.65 1.45
N THR A 4 12.64 -12.19 1.85
CA THR A 4 11.45 -12.11 1.02
C THR A 4 10.58 -10.92 1.41
N SER A 5 9.63 -10.58 0.55
CA SER A 5 8.74 -9.46 0.81
C SER A 5 7.46 -9.59 -0.02
N TYR A 6 6.50 -8.69 0.24
CA TYR A 6 5.23 -8.69 -0.47
C TYR A 6 4.69 -7.28 -0.64
N PRO A 7 5.22 -6.56 -1.64
CA PRO A 7 4.80 -5.19 -1.93
C PRO A 7 3.39 -5.12 -2.50
N CYS A 8 2.74 -3.97 -2.29
CA CYS A 8 1.38 -3.78 -2.78
C CYS A 8 1.31 -3.93 -4.30
N SER A 9 0.10 -4.09 -4.82
CA SER A 9 -0.10 -4.26 -6.25
C SER A 9 -0.38 -2.92 -6.92
N PHE A 10 0.55 -2.47 -7.77
CA PHE A 10 0.40 -1.21 -8.46
C PHE A 10 1.56 -0.99 -9.44
N LYS A 11 1.22 -0.58 -10.66
CA LYS A 11 2.23 -0.34 -11.68
C LYS A 11 3.13 0.84 -11.29
N ASP A 12 2.56 1.80 -10.58
CA ASP A 12 3.30 2.97 -10.14
C ASP A 12 3.90 2.74 -8.75
N CYS A 13 3.99 1.48 -8.34
CA CYS A 13 4.52 1.13 -7.03
C CYS A 13 6.05 1.04 -7.08
N ALA A 14 6.71 1.80 -6.21
CA ALA A 14 8.17 1.80 -6.16
C ALA A 14 8.66 1.79 -4.72
N GLU A 15 7.93 1.08 -3.86
CA GLU A 15 8.29 0.99 -2.45
C GLU A 15 8.05 -0.43 -1.91
N ARG A 16 8.92 -0.87 -1.01
CA ARG A 16 8.80 -2.20 -0.43
C ARG A 16 9.05 -2.16 1.08
N GLU A 17 8.07 -2.63 1.85
CA GLU A 17 8.18 -2.64 3.30
C GLU A 17 7.81 -4.00 3.87
N LEU A 18 8.06 -4.19 5.16
CA LEU A 18 7.75 -5.46 5.82
C LEU A 18 6.24 -5.69 5.87
N VAL A 19 5.52 -4.72 6.42
CA VAL A 19 4.07 -4.81 6.54
C VAL A 19 3.39 -3.60 5.90
N ALA A 20 2.44 -3.86 5.00
CA ALA A 20 1.72 -2.79 4.33
C ALA A 20 0.56 -2.29 5.18
N VAL A 21 0.28 -0.99 5.11
CA VAL A 21 -0.80 -0.40 5.87
C VAL A 21 -2.16 -0.86 5.36
N ILE A 22 -3.12 -0.99 6.27
CA ILE A 22 -4.46 -1.42 5.92
C ILE A 22 -5.47 -0.29 6.06
N CYS A 23 -6.01 0.16 4.93
CA CYS A 23 -6.99 1.24 4.94
C CYS A 23 -8.14 0.93 5.89
N PRO A 24 -8.78 1.99 6.41
CA PRO A 24 -9.90 1.86 7.35
C PRO A 24 -11.16 1.32 6.66
N TYR A 25 -11.35 1.70 5.40
CA TYR A 25 -12.50 1.27 4.64
C TYR A 25 -12.12 0.20 3.62
N CYS A 26 -11.08 0.49 2.83
CA CYS A 26 -10.61 -0.44 1.81
C CYS A 26 -10.06 -1.71 2.46
N GLU A 27 -9.53 -1.57 3.66
CA GLU A 27 -8.97 -2.71 4.39
C GLU A 27 -8.00 -3.49 3.51
N LYS A 28 -7.28 -2.77 2.65
CA LYS A 28 -6.31 -3.40 1.75
C LYS A 28 -4.89 -3.03 2.14
N ASN A 29 -3.97 -3.96 1.93
CA ASN A 29 -2.56 -3.72 2.25
C ASN A 29 -1.87 -2.92 1.14
N PHE A 30 -1.33 -1.76 1.52
CA PHE A 30 -0.65 -0.90 0.56
C PHE A 30 0.48 -0.13 1.23
N CYS A 31 1.36 0.45 0.43
CA CYS A 31 2.49 1.22 0.95
C CYS A 31 2.02 2.59 1.45
N LEU A 32 2.95 3.35 2.02
CA LEU A 32 2.65 4.67 2.54
C LEU A 32 2.35 5.66 1.41
N ARG A 33 3.05 5.48 0.30
CA ARG A 33 2.87 6.35 -0.86
C ARG A 33 1.42 6.29 -1.36
N HIS A 34 0.90 5.08 -1.49
CA HIS A 34 -0.48 4.89 -1.96
C HIS A 34 -1.47 5.09 -0.82
N ARG A 35 -1.00 4.88 0.41
CA ARG A 35 -1.85 5.04 1.59
C ARG A 35 -2.56 6.39 1.58
N HIS A 36 -1.89 7.39 1.01
CA HIS A 36 -2.45 8.74 0.95
C HIS A 36 -3.83 8.72 0.29
N GLN A 37 -4.80 9.35 0.94
CA GLN A 37 -6.15 9.41 0.41
C GLN A 37 -6.18 9.96 -1.01
N SER A 38 -5.25 10.88 -1.29
CA SER A 38 -5.16 11.49 -2.61
C SER A 38 -4.64 10.49 -3.64
N ASP A 39 -3.73 9.63 -3.20
CA ASP A 39 -3.15 8.62 -4.09
C ASP A 39 -4.12 7.46 -4.30
N HIS A 40 -4.66 6.95 -3.19
CA HIS A 40 -5.60 5.84 -3.26
C HIS A 40 -6.93 6.28 -3.87
N GLU A 41 -7.31 7.52 -3.60
CA GLU A 41 -8.56 8.06 -4.14
C GLU A 41 -9.76 7.28 -3.60
N CYS A 42 -9.69 6.88 -2.34
CA CYS A 42 -10.76 6.13 -1.70
C CYS A 42 -12.10 6.82 -1.91
N GLU A 43 -13.12 6.04 -2.25
CA GLU A 43 -14.46 6.57 -2.48
C GLU A 43 -14.97 7.30 -1.25
N LYS A 44 -14.64 6.76 -0.07
CA LYS A 44 -15.07 7.36 1.19
C LYS A 44 -14.22 8.57 1.54
N LEU A 45 -13.03 8.64 0.94
CA LEU A 45 -12.11 9.75 1.19
C LEU A 45 -11.49 10.24 -0.12
ZN ZN B . 3.22 0.01 -3.35
ZN ZN C . -8.15 3.44 0.67
N GLY A 1 17.43 -16.32 -2.70
CA GLY A 1 18.69 -16.21 -2.00
C GLY A 1 19.23 -14.79 -1.99
N GLY A 2 18.43 -13.86 -1.47
CA GLY A 2 18.86 -12.47 -1.42
C GLY A 2 17.99 -11.64 -0.50
N SER A 3 16.69 -11.61 -0.78
CA SER A 3 15.75 -10.84 0.03
C SER A 3 14.32 -11.26 -0.26
N THR A 4 13.47 -11.21 0.76
CA THR A 4 12.07 -11.59 0.62
C THR A 4 11.15 -10.49 1.16
N SER A 5 10.05 -10.25 0.45
CA SER A 5 9.10 -9.23 0.85
C SER A 5 7.78 -9.38 0.09
N TYR A 6 6.79 -8.59 0.47
CA TYR A 6 5.48 -8.65 -0.18
C TYR A 6 4.85 -7.26 -0.24
N PRO A 7 5.29 -6.45 -1.21
CA PRO A 7 4.78 -5.08 -1.40
C PRO A 7 3.34 -5.07 -1.89
N CYS A 8 2.73 -3.89 -1.87
CA CYS A 8 1.35 -3.74 -2.32
C CYS A 8 1.24 -3.94 -3.83
N SER A 9 0.02 -4.11 -4.32
CA SER A 9 -0.22 -4.33 -5.74
C SER A 9 -0.50 -3.00 -6.44
N PHE A 10 0.40 -2.60 -7.33
CA PHE A 10 0.25 -1.36 -8.07
C PHE A 10 1.39 -1.19 -9.09
N LYS A 11 1.06 -0.65 -10.25
CA LYS A 11 2.04 -0.43 -11.30
C LYS A 11 3.03 0.67 -10.90
N ASP A 12 2.53 1.66 -10.16
CA ASP A 12 3.37 2.76 -9.71
C ASP A 12 3.95 2.48 -8.33
N CYS A 13 3.94 1.22 -7.93
CA CYS A 13 4.47 0.81 -6.64
C CYS A 13 5.97 0.59 -6.70
N ALA A 14 6.71 1.26 -5.82
CA ALA A 14 8.15 1.13 -5.78
C ALA A 14 8.64 0.87 -4.35
N GLU A 15 8.02 1.54 -3.39
CA GLU A 15 8.39 1.39 -1.98
C GLU A 15 8.08 -0.02 -1.50
N ARG A 16 8.92 -0.53 -0.60
CA ARG A 16 8.75 -1.87 -0.06
C ARG A 16 8.96 -1.87 1.45
N GLU A 17 8.03 -2.50 2.17
CA GLU A 17 8.11 -2.57 3.63
C GLU A 17 7.70 -3.96 4.13
N LEU A 18 7.88 -4.18 5.43
CA LEU A 18 7.53 -5.46 6.02
C LEU A 18 6.02 -5.65 6.07
N VAL A 19 5.32 -4.73 6.73
CA VAL A 19 3.87 -4.79 6.84
C VAL A 19 3.22 -3.57 6.20
N ALA A 20 2.28 -3.82 5.30
CA ALA A 20 1.57 -2.75 4.62
C ALA A 20 0.43 -2.20 5.47
N VAL A 21 0.18 -0.90 5.37
CA VAL A 21 -0.88 -0.26 6.13
C VAL A 21 -2.26 -0.65 5.60
N ILE A 22 -3.23 -0.73 6.49
CA ILE A 22 -4.59 -1.09 6.11
C ILE A 22 -5.52 0.11 6.18
N CYS A 23 -6.21 0.39 5.08
CA CYS A 23 -7.14 1.50 5.01
C CYS A 23 -8.34 1.27 5.91
N PRO A 24 -8.95 2.37 6.38
CA PRO A 24 -10.12 2.32 7.26
C PRO A 24 -11.37 1.81 6.53
N TYR A 25 -11.48 2.17 5.25
CA TYR A 25 -12.63 1.76 4.45
C TYR A 25 -12.24 0.65 3.48
N CYS A 26 -11.16 0.86 2.74
CA CYS A 26 -10.68 -0.12 1.77
C CYS A 26 -10.23 -1.39 2.48
N GLU A 27 -9.75 -1.24 3.70
CA GLU A 27 -9.27 -2.37 4.49
C GLU A 27 -8.31 -3.23 3.67
N LYS A 28 -7.51 -2.58 2.82
CA LYS A 28 -6.55 -3.28 1.99
C LYS A 28 -5.11 -2.90 2.36
N ASN A 29 -4.18 -3.82 2.14
CA ASN A 29 -2.78 -3.56 2.46
C ASN A 29 -2.13 -2.70 1.38
N PHE A 30 -1.46 -1.64 1.81
CA PHE A 30 -0.79 -0.73 0.89
C PHE A 30 0.39 -0.03 1.56
N CYS A 31 1.29 0.52 0.76
CA CYS A 31 2.45 1.22 1.28
C CYS A 31 2.09 2.61 1.77
N LEU A 32 3.06 3.33 2.31
CA LEU A 32 2.84 4.67 2.82
C LEU A 32 2.61 5.65 1.67
N ARG A 33 3.28 5.42 0.55
CA ARG A 33 3.14 6.28 -0.62
C ARG A 33 1.69 6.29 -1.11
N HIS A 34 1.11 5.09 -1.23
CA HIS A 34 -0.27 4.97 -1.70
C HIS A 34 -1.26 5.21 -0.56
N ARG A 35 -0.79 5.00 0.68
CA ARG A 35 -1.63 5.20 1.85
C ARG A 35 -2.29 6.57 1.83
N HIS A 36 -1.59 7.55 1.26
CA HIS A 36 -2.11 8.91 1.16
C HIS A 36 -3.48 8.93 0.51
N GLN A 37 -4.41 9.64 1.13
CA GLN A 37 -5.77 9.74 0.59
C GLN A 37 -5.76 10.22 -0.85
N SER A 38 -4.79 11.08 -1.18
CA SER A 38 -4.67 11.63 -2.53
C SER A 38 -4.13 10.57 -3.49
N ASP A 39 -3.25 9.72 -2.99
CA ASP A 39 -2.65 8.66 -3.80
C ASP A 39 -3.66 7.55 -4.05
N HIS A 40 -4.31 7.09 -2.99
CA HIS A 40 -5.29 6.02 -3.10
C HIS A 40 -6.59 6.54 -3.72
N GLU A 41 -6.92 7.79 -3.43
CA GLU A 41 -8.13 8.40 -3.96
C GLU A 41 -9.38 7.67 -3.46
N CYS A 42 -9.33 7.23 -2.20
CA CYS A 42 -10.46 6.52 -1.60
C CYS A 42 -11.75 7.29 -1.79
N GLU A 43 -12.81 6.58 -2.18
CA GLU A 43 -14.11 7.20 -2.40
C GLU A 43 -14.85 7.40 -1.08
N LYS A 44 -14.68 6.45 -0.17
CA LYS A 44 -15.32 6.51 1.14
C LYS A 44 -14.60 7.48 2.06
N LEU A 45 -13.33 7.75 1.74
CA LEU A 45 -12.52 8.67 2.54
C LEU A 45 -12.15 9.90 1.74
ZN ZN B . 3.27 -0.07 -3.02
ZN ZN C . -8.00 3.61 0.64
N GLY A 1 16.97 -17.10 -2.29
CA GLY A 1 18.01 -17.01 -1.27
C GLY A 1 18.62 -15.62 -1.20
N GLY A 2 18.03 -14.76 -0.37
CA GLY A 2 18.53 -13.41 -0.22
C GLY A 2 17.68 -12.57 0.70
N SER A 3 16.40 -12.42 0.36
CA SER A 3 15.47 -11.64 1.17
C SER A 3 14.04 -11.84 0.70
N THR A 4 13.14 -12.04 1.66
CA THR A 4 11.73 -12.24 1.35
C THR A 4 10.91 -10.99 1.66
N SER A 5 10.03 -10.63 0.74
CA SER A 5 9.19 -9.45 0.90
C SER A 5 7.89 -9.58 0.09
N TYR A 6 6.99 -8.64 0.28
CA TYR A 6 5.72 -8.64 -0.43
C TYR A 6 5.10 -7.25 -0.47
N PRO A 7 5.59 -6.41 -1.40
CA PRO A 7 5.11 -5.04 -1.57
C PRO A 7 3.69 -4.98 -2.13
N CYS A 8 2.97 -3.93 -1.78
CA CYS A 8 1.60 -3.76 -2.25
C CYS A 8 1.52 -3.89 -3.77
N SER A 9 0.30 -4.05 -4.29
CA SER A 9 0.09 -4.20 -5.72
C SER A 9 -0.20 -2.84 -6.37
N PHE A 10 0.70 -2.41 -7.24
CA PHE A 10 0.54 -1.13 -7.93
C PHE A 10 1.71 -0.87 -8.88
N LYS A 11 1.41 -0.35 -10.06
CA LYS A 11 2.43 -0.06 -11.05
C LYS A 11 3.16 1.24 -10.71
N ASP A 12 2.45 2.15 -10.05
CA ASP A 12 3.03 3.44 -9.66
C ASP A 12 3.66 3.35 -8.28
N CYS A 13 3.92 2.13 -7.83
CA CYS A 13 4.52 1.91 -6.52
C CYS A 13 6.05 2.01 -6.59
N ALA A 14 6.65 2.51 -5.51
CA ALA A 14 8.10 2.67 -5.45
C ALA A 14 8.61 2.52 -4.02
N GLU A 15 7.99 1.62 -3.27
CA GLU A 15 8.37 1.39 -1.88
C GLU A 15 8.21 -0.08 -1.51
N ARG A 16 8.97 -0.53 -0.52
CA ARG A 16 8.90 -1.91 -0.07
C ARG A 16 9.10 -1.99 1.44
N GLU A 17 8.10 -2.55 2.13
CA GLU A 17 8.16 -2.69 3.58
C GLU A 17 7.75 -4.09 4.01
N LEU A 18 7.90 -4.38 5.30
CA LEU A 18 7.54 -5.69 5.84
C LEU A 18 6.02 -5.85 5.90
N VAL A 19 5.34 -4.81 6.37
CA VAL A 19 3.88 -4.84 6.48
C VAL A 19 3.27 -3.56 5.92
N ALA A 20 2.32 -3.72 5.00
CA ALA A 20 1.64 -2.57 4.39
C ALA A 20 0.51 -2.08 5.28
N VAL A 21 0.29 -0.76 5.27
CA VAL A 21 -0.77 -0.15 6.07
C VAL A 21 -2.15 -0.55 5.54
N ILE A 22 -3.11 -0.67 6.45
CA ILE A 22 -4.47 -1.03 6.07
C ILE A 22 -5.40 0.17 6.16
N CYS A 23 -6.10 0.46 5.06
CA CYS A 23 -7.03 1.57 5.02
C CYS A 23 -8.21 1.34 5.95
N PRO A 24 -8.81 2.44 6.43
CA PRO A 24 -9.96 2.38 7.34
C PRO A 24 -11.22 1.87 6.65
N TYR A 25 -11.36 2.21 5.38
CA TYR A 25 -12.53 1.80 4.60
C TYR A 25 -12.16 0.68 3.63
N CYS A 26 -11.11 0.89 2.86
CA CYS A 26 -10.65 -0.10 1.90
C CYS A 26 -10.17 -1.37 2.59
N GLU A 27 -9.66 -1.21 3.81
CA GLU A 27 -9.17 -2.33 4.59
C GLU A 27 -8.24 -3.21 3.75
N LYS A 28 -7.45 -2.57 2.90
CA LYS A 28 -6.51 -3.28 2.03
C LYS A 28 -5.07 -2.89 2.37
N ASN A 29 -4.15 -3.81 2.12
CA ASN A 29 -2.73 -3.57 2.39
C ASN A 29 -2.12 -2.68 1.31
N PHE A 30 -1.46 -1.61 1.73
CA PHE A 30 -0.83 -0.69 0.80
C PHE A 30 0.32 0.06 1.45
N CYS A 31 1.24 0.58 0.65
CA CYS A 31 2.39 1.32 1.16
C CYS A 31 1.98 2.73 1.57
N LEU A 32 2.92 3.47 2.15
CA LEU A 32 2.68 4.83 2.59
C LEU A 32 2.36 5.75 1.42
N ARG A 33 3.01 5.48 0.28
CA ARG A 33 2.80 6.28 -0.91
C ARG A 33 1.36 6.17 -1.40
N HIS A 34 0.76 5.01 -1.21
CA HIS A 34 -0.61 4.77 -1.62
C HIS A 34 -1.58 5.11 -0.49
N ARG A 35 -1.10 5.01 0.73
CA ARG A 35 -1.93 5.31 1.91
C ARG A 35 -2.60 6.67 1.76
N HIS A 36 -1.92 7.59 1.10
CA HIS A 36 -2.46 8.94 0.89
C HIS A 36 -3.84 8.89 0.26
N GLN A 37 -4.83 9.41 0.97
CA GLN A 37 -6.21 9.42 0.48
C GLN A 37 -6.28 10.08 -0.90
N SER A 38 -5.42 11.07 -1.13
CA SER A 38 -5.40 11.78 -2.40
C SER A 38 -4.97 10.85 -3.54
N ASP A 39 -3.99 10.01 -3.25
CA ASP A 39 -3.49 9.06 -4.25
C ASP A 39 -4.43 7.87 -4.39
N HIS A 40 -4.81 7.29 -3.26
CA HIS A 40 -5.72 6.14 -3.26
C HIS A 40 -7.07 6.51 -3.86
N GLU A 41 -7.50 7.75 -3.61
CA GLU A 41 -8.78 8.23 -4.12
C GLU A 41 -9.93 7.44 -3.52
N CYS A 42 -9.80 7.07 -2.25
CA CYS A 42 -10.82 6.31 -1.56
C CYS A 42 -12.20 6.96 -1.73
N GLU A 43 -13.18 6.15 -2.11
CA GLU A 43 -14.54 6.65 -2.31
C GLU A 43 -15.17 7.08 -0.99
N LYS A 44 -14.83 6.36 0.09
CA LYS A 44 -15.35 6.67 1.41
C LYS A 44 -14.39 7.57 2.18
N LEU A 45 -13.78 8.52 1.46
CA LEU A 45 -12.84 9.45 2.08
C LEU A 45 -12.78 10.76 1.29
ZN ZN B . 2.62 0.56 -3.15
ZN ZN C . -8.10 3.70 0.71
N GLY A 1 21.81 -14.53 1.26
CA GLY A 1 20.54 -14.60 1.96
C GLY A 1 19.42 -13.96 1.19
N GLY A 2 19.20 -12.67 1.40
CA GLY A 2 18.15 -11.96 0.71
C GLY A 2 16.79 -12.21 1.33
N SER A 3 16.29 -11.23 2.07
CA SER A 3 14.98 -11.35 2.73
C SER A 3 13.86 -11.10 1.73
N THR A 4 12.92 -12.04 1.66
CA THR A 4 11.79 -11.92 0.75
C THR A 4 10.85 -10.81 1.20
N SER A 5 10.08 -10.28 0.24
CA SER A 5 9.13 -9.20 0.54
C SER A 5 7.85 -9.38 -0.28
N TYR A 6 6.86 -8.54 0.00
CA TYR A 6 5.58 -8.59 -0.70
C TYR A 6 4.93 -7.21 -0.76
N PRO A 7 5.41 -6.39 -1.71
CA PRO A 7 4.88 -5.04 -1.90
C PRO A 7 3.47 -5.03 -2.47
N CYS A 8 2.75 -3.93 -2.22
CA CYS A 8 1.37 -3.80 -2.71
C CYS A 8 1.32 -3.96 -4.22
N SER A 9 0.11 -4.15 -4.74
CA SER A 9 -0.10 -4.32 -6.17
C SER A 9 -0.40 -2.99 -6.85
N PHE A 10 0.51 -2.53 -7.69
CA PHE A 10 0.34 -1.26 -8.39
C PHE A 10 1.47 -1.03 -9.40
N LYS A 11 1.17 -0.28 -10.44
CA LYS A 11 2.16 0.02 -11.48
C LYS A 11 3.13 1.11 -11.01
N ASP A 12 2.63 2.03 -10.21
CA ASP A 12 3.44 3.12 -9.69
C ASP A 12 4.03 2.76 -8.32
N CYS A 13 4.04 1.46 -8.01
CA CYS A 13 4.58 0.99 -6.75
C CYS A 13 6.09 0.80 -6.82
N ALA A 14 6.77 1.11 -5.74
CA ALA A 14 8.23 0.98 -5.68
C ALA A 14 8.69 0.72 -4.25
N GLU A 15 8.10 1.42 -3.29
CA GLU A 15 8.46 1.27 -1.89
C GLU A 15 8.15 -0.15 -1.40
N ARG A 16 8.98 -0.66 -0.51
CA ARG A 16 8.80 -2.00 0.04
C ARG A 16 8.97 -2.00 1.55
N GLU A 17 7.98 -2.54 2.26
CA GLU A 17 8.03 -2.59 3.71
C GLU A 17 7.61 -3.97 4.22
N LEU A 18 8.15 -4.36 5.37
CA LEU A 18 7.82 -5.65 5.96
C LEU A 18 6.31 -5.85 6.05
N VAL A 19 5.62 -4.87 6.61
CA VAL A 19 4.18 -4.93 6.76
C VAL A 19 3.50 -3.81 5.99
N ALA A 20 2.53 -4.17 5.14
CA ALA A 20 1.80 -3.19 4.35
C ALA A 20 0.66 -2.56 5.16
N VAL A 21 0.40 -1.29 4.89
CA VAL A 21 -0.66 -0.57 5.60
C VAL A 21 -2.04 -1.06 5.17
N ILE A 22 -2.96 -1.12 6.14
CA ILE A 22 -4.31 -1.57 5.87
C ILE A 22 -5.32 -0.44 6.02
N CYS A 23 -5.86 0.03 4.90
CA CYS A 23 -6.82 1.12 4.91
C CYS A 23 -7.97 0.81 5.88
N PRO A 24 -8.59 1.87 6.40
CA PRO A 24 -9.71 1.74 7.34
C PRO A 24 -10.97 1.21 6.67
N TYR A 25 -11.17 1.58 5.41
CA TYR A 25 -12.34 1.15 4.66
C TYR A 25 -11.96 0.06 3.66
N CYS A 26 -10.93 0.33 2.85
CA CYS A 26 -10.47 -0.63 1.85
C CYS A 26 -9.92 -1.89 2.51
N GLU A 27 -9.37 -1.74 3.72
CA GLU A 27 -8.82 -2.87 4.45
C GLU A 27 -7.90 -3.69 3.56
N LYS A 28 -7.18 -3.02 2.67
CA LYS A 28 -6.27 -3.70 1.75
C LYS A 28 -4.83 -3.31 2.04
N ASN A 29 -3.90 -4.19 1.68
CA ASN A 29 -2.47 -3.93 1.90
C ASN A 29 -1.94 -2.91 0.91
N PHE A 30 -1.29 -1.87 1.42
CA PHE A 30 -0.73 -0.83 0.56
C PHE A 30 0.38 -0.08 1.29
N CYS A 31 1.36 0.39 0.53
CA CYS A 31 2.49 1.12 1.09
C CYS A 31 2.06 2.49 1.60
N LEU A 32 3.01 3.22 2.18
CA LEU A 32 2.72 4.55 2.71
C LEU A 32 2.45 5.54 1.59
N ARG A 33 3.14 5.36 0.47
CA ARG A 33 2.98 6.25 -0.69
C ARG A 33 1.55 6.21 -1.19
N HIS A 34 0.98 5.01 -1.31
CA HIS A 34 -0.38 4.84 -1.78
C HIS A 34 -1.38 5.00 -0.63
N ARG A 35 -0.90 4.78 0.59
CA ARG A 35 -1.75 4.90 1.77
C ARG A 35 -2.47 6.25 1.79
N HIS A 36 -1.81 7.27 1.26
CA HIS A 36 -2.39 8.60 1.22
C HIS A 36 -3.76 8.59 0.55
N GLN A 37 -4.74 9.17 1.23
CA GLN A 37 -6.11 9.23 0.71
C GLN A 37 -6.13 9.85 -0.68
N SER A 38 -5.22 10.80 -0.91
CA SER A 38 -5.15 11.48 -2.20
C SER A 38 -4.61 10.55 -3.28
N ASP A 39 -3.68 9.67 -2.89
CA ASP A 39 -3.08 8.72 -3.83
C ASP A 39 -4.04 7.56 -4.09
N HIS A 40 -4.58 6.98 -3.03
CA HIS A 40 -5.51 5.86 -3.14
C HIS A 40 -6.83 6.32 -3.75
N GLU A 41 -7.24 7.53 -3.40
CA GLU A 41 -8.50 8.09 -3.91
C GLU A 41 -9.69 7.26 -3.41
N CYS A 42 -9.61 6.81 -2.16
CA CYS A 42 -10.67 6.01 -1.58
C CYS A 42 -12.03 6.69 -1.76
N GLU A 43 -13.10 5.89 -1.76
CA GLU A 43 -14.44 6.42 -1.92
C GLU A 43 -14.90 7.16 -0.66
N LYS A 44 -14.53 6.62 0.50
CA LYS A 44 -14.90 7.22 1.77
C LYS A 44 -13.71 7.97 2.37
N LEU A 45 -12.93 8.61 1.53
CA LEU A 45 -11.76 9.37 1.97
C LEU A 45 -12.18 10.53 2.87
ZN ZN B . 3.24 -0.08 -3.18
ZN ZN C . -8.03 3.25 0.65
N GLY A 1 22.38 -14.01 -0.74
CA GLY A 1 21.78 -13.48 0.46
C GLY A 1 20.31 -13.84 0.57
N GLY A 2 19.73 -13.60 1.76
CA GLY A 2 18.33 -13.91 1.96
C GLY A 2 17.47 -12.66 2.10
N SER A 3 16.39 -12.61 1.33
CA SER A 3 15.49 -11.46 1.36
C SER A 3 14.09 -11.86 0.88
N THR A 4 13.08 -11.41 1.61
CA THR A 4 11.69 -11.72 1.27
C THR A 4 10.77 -10.55 1.58
N SER A 5 9.92 -10.20 0.63
CA SER A 5 8.99 -9.08 0.79
C SER A 5 7.72 -9.31 -0.02
N TYR A 6 6.74 -8.44 0.16
CA TYR A 6 5.47 -8.54 -0.55
C TYR A 6 4.78 -7.18 -0.63
N PRO A 7 5.23 -6.35 -1.58
CA PRO A 7 4.66 -5.01 -1.79
C PRO A 7 3.25 -5.06 -2.36
N CYS A 8 2.52 -3.95 -2.22
CA CYS A 8 1.15 -3.87 -2.72
C CYS A 8 1.12 -4.06 -4.23
N SER A 9 -0.07 -4.29 -4.77
CA SER A 9 -0.25 -4.50 -6.20
C SER A 9 -0.58 -3.18 -6.89
N PHE A 10 0.33 -2.72 -7.74
CA PHE A 10 0.14 -1.48 -8.47
C PHE A 10 1.30 -1.22 -9.43
N LYS A 11 0.99 -0.67 -10.60
CA LYS A 11 1.99 -0.37 -11.60
C LYS A 11 2.93 0.73 -11.12
N ASP A 12 2.39 1.67 -10.34
CA ASP A 12 3.19 2.76 -9.81
C ASP A 12 3.74 2.42 -8.43
N CYS A 13 3.76 1.13 -8.11
CA CYS A 13 4.25 0.68 -6.83
C CYS A 13 5.77 0.50 -6.85
N ALA A 14 6.46 1.18 -5.94
CA ALA A 14 7.91 1.10 -5.86
C ALA A 14 8.37 0.82 -4.42
N GLU A 15 7.83 1.57 -3.48
CA GLU A 15 8.19 1.41 -2.08
C GLU A 15 7.93 -0.02 -1.61
N ARG A 16 8.70 -0.47 -0.64
CA ARG A 16 8.56 -1.81 -0.10
C ARG A 16 8.71 -1.82 1.42
N GLU A 17 7.70 -2.34 2.11
CA GLU A 17 7.71 -2.40 3.56
C GLU A 17 7.39 -3.81 4.05
N LEU A 18 7.96 -4.18 5.19
CA LEU A 18 7.75 -5.50 5.76
C LEU A 18 6.25 -5.76 5.98
N VAL A 19 5.49 -4.68 6.14
CA VAL A 19 4.06 -4.80 6.35
C VAL A 19 3.31 -3.63 5.71
N ALA A 20 2.32 -3.94 4.89
CA ALA A 20 1.53 -2.91 4.22
C ALA A 20 0.42 -2.39 5.13
N VAL A 21 0.13 -1.09 5.00
CA VAL A 21 -0.91 -0.47 5.81
C VAL A 21 -2.30 -0.90 5.35
N ILE A 22 -3.23 -0.99 6.29
CA ILE A 22 -4.59 -1.39 5.99
C ILE A 22 -5.56 -0.22 6.13
N CYS A 23 -6.18 0.17 5.01
CA CYS A 23 -7.12 1.28 5.01
C CYS A 23 -8.29 1.01 5.96
N PRO A 24 -8.90 2.08 6.48
CA PRO A 24 -10.03 1.98 7.39
C PRO A 24 -11.29 1.48 6.71
N TYR A 25 -11.46 1.86 5.44
CA TYR A 25 -12.63 1.46 4.68
C TYR A 25 -12.27 0.37 3.67
N CYS A 26 -11.23 0.63 2.89
CA CYS A 26 -10.78 -0.33 1.88
C CYS A 26 -10.26 -1.61 2.54
N GLU A 27 -9.73 -1.48 3.75
CA GLU A 27 -9.20 -2.62 4.48
C GLU A 27 -8.28 -3.46 3.60
N LYS A 28 -7.53 -2.78 2.72
CA LYS A 28 -6.61 -3.47 1.82
C LYS A 28 -5.17 -3.12 2.16
N ASN A 29 -4.26 -4.03 1.83
CA ASN A 29 -2.84 -3.82 2.10
C ASN A 29 -2.20 -2.95 1.03
N PHE A 30 -1.64 -1.82 1.45
CA PHE A 30 -0.99 -0.90 0.53
C PHE A 30 0.20 -0.21 1.20
N CYS A 31 1.08 0.34 0.37
CA CYS A 31 2.27 1.03 0.87
C CYS A 31 1.92 2.43 1.37
N LEU A 32 2.91 3.13 1.90
CA LEU A 32 2.71 4.49 2.41
C LEU A 32 2.45 5.47 1.26
N ARG A 33 3.10 5.23 0.13
CA ARG A 33 2.94 6.08 -1.04
C ARG A 33 1.49 6.10 -1.51
N HIS A 34 0.89 4.92 -1.61
CA HIS A 34 -0.50 4.80 -2.04
C HIS A 34 -1.45 5.01 -0.87
N ARG A 35 -0.95 4.80 0.34
CA ARG A 35 -1.77 4.97 1.54
C ARG A 35 -2.44 6.34 1.56
N HIS A 36 -1.76 7.33 0.98
CA HIS A 36 -2.28 8.69 0.92
C HIS A 36 -3.67 8.71 0.30
N GLN A 37 -4.59 9.44 0.94
CA GLN A 37 -5.95 9.53 0.44
C GLN A 37 -5.98 10.01 -1.01
N SER A 38 -5.02 10.87 -1.35
CA SER A 38 -4.93 11.41 -2.71
C SER A 38 -4.44 10.35 -3.68
N ASP A 39 -3.55 9.49 -3.20
CA ASP A 39 -3.00 8.42 -4.04
C ASP A 39 -4.01 7.30 -4.23
N HIS A 40 -4.60 6.85 -3.13
CA HIS A 40 -5.59 5.78 -3.17
C HIS A 40 -6.89 6.27 -3.77
N GLU A 41 -7.23 7.53 -3.50
CA GLU A 41 -8.47 8.12 -4.01
C GLU A 41 -9.68 7.40 -3.46
N CYS A 42 -9.61 6.99 -2.20
CA CYS A 42 -10.70 6.29 -1.54
C CYS A 42 -12.02 7.05 -1.72
N GLU A 43 -13.11 6.31 -1.84
CA GLU A 43 -14.43 6.91 -2.02
C GLU A 43 -14.92 7.52 -0.71
N LYS A 44 -14.61 6.86 0.40
CA LYS A 44 -15.03 7.32 1.72
C LYS A 44 -13.92 8.15 2.37
N LEU A 45 -13.20 8.92 1.56
CA LEU A 45 -12.12 9.76 2.07
C LEU A 45 -11.58 10.67 0.97
ZN ZN B . 2.98 -0.24 -3.45
ZN ZN C . -8.18 3.46 0.72
N GLY A 1 21.42 -12.54 -0.88
CA GLY A 1 20.85 -13.40 0.15
C GLY A 1 19.38 -13.67 -0.08
N GLY A 2 18.82 -14.57 0.72
CA GLY A 2 17.40 -14.91 0.58
C GLY A 2 16.50 -13.73 0.87
N SER A 3 16.07 -13.05 -0.18
CA SER A 3 15.20 -11.89 -0.03
C SER A 3 13.72 -12.31 -0.06
N THR A 4 12.95 -11.81 0.91
CA THR A 4 11.54 -12.13 0.99
C THR A 4 10.72 -10.91 1.38
N SER A 5 9.64 -10.66 0.64
CA SER A 5 8.78 -9.51 0.90
C SER A 5 7.45 -9.66 0.17
N TYR A 6 6.52 -8.75 0.45
CA TYR A 6 5.21 -8.77 -0.19
C TYR A 6 4.59 -7.38 -0.23
N PRO A 7 5.03 -6.56 -1.20
CA PRO A 7 4.54 -5.20 -1.36
C PRO A 7 3.09 -5.15 -1.85
N CYS A 8 2.62 -3.95 -2.15
CA CYS A 8 1.25 -3.78 -2.63
C CYS A 8 1.17 -3.96 -4.14
N SER A 9 -0.05 -4.10 -4.66
CA SER A 9 -0.25 -4.28 -6.09
C SER A 9 -0.50 -2.94 -6.78
N PHE A 10 0.44 -2.54 -7.63
CA PHE A 10 0.32 -1.29 -8.36
C PHE A 10 1.47 -1.12 -9.35
N LYS A 11 1.17 -0.58 -10.53
CA LYS A 11 2.16 -0.37 -11.56
C LYS A 11 3.14 0.73 -11.15
N ASP A 12 2.65 1.72 -10.42
CA ASP A 12 3.48 2.82 -9.97
C ASP A 12 4.05 2.55 -8.58
N CYS A 13 4.02 1.28 -8.18
CA CYS A 13 4.53 0.88 -6.87
C CYS A 13 6.04 0.67 -6.91
N ALA A 14 6.72 1.06 -5.85
CA ALA A 14 8.17 0.91 -5.76
C ALA A 14 8.61 0.67 -4.32
N GLU A 15 8.00 1.41 -3.39
CA GLU A 15 8.35 1.26 -1.98
C GLU A 15 7.93 -0.11 -1.46
N ARG A 16 8.76 -0.66 -0.57
CA ARG A 16 8.48 -1.97 0.00
C ARG A 16 8.68 -1.95 1.52
N GLU A 17 7.74 -2.57 2.24
CA GLU A 17 7.82 -2.62 3.69
C GLU A 17 7.34 -3.97 4.21
N LEU A 18 7.84 -4.37 5.38
CA LEU A 18 7.46 -5.64 5.98
C LEU A 18 5.94 -5.78 6.07
N VAL A 19 5.30 -4.76 6.61
CA VAL A 19 3.84 -4.76 6.75
C VAL A 19 3.21 -3.61 5.98
N ALA A 20 2.24 -3.93 5.14
CA ALA A 20 1.56 -2.92 4.34
C ALA A 20 0.45 -2.24 5.13
N VAL A 21 0.24 -0.96 4.88
CA VAL A 21 -0.80 -0.20 5.58
C VAL A 21 -2.19 -0.65 5.16
N ILE A 22 -3.10 -0.74 6.13
CA ILE A 22 -4.46 -1.16 5.87
C ILE A 22 -5.44 -0.02 6.10
N CYS A 23 -6.01 0.49 5.01
CA CYS A 23 -6.97 1.60 5.10
C CYS A 23 -8.09 1.26 6.08
N PRO A 24 -8.68 2.30 6.68
CA PRO A 24 -9.77 2.15 7.65
C PRO A 24 -11.06 1.66 6.99
N TYR A 25 -11.28 2.10 5.75
CA TYR A 25 -12.48 1.71 5.02
C TYR A 25 -12.16 0.66 3.96
N CYS A 26 -11.15 0.94 3.14
CA CYS A 26 -10.73 0.03 2.09
C CYS A 26 -10.19 -1.27 2.68
N GLU A 27 -9.61 -1.17 3.87
CA GLU A 27 -9.05 -2.34 4.54
C GLU A 27 -8.16 -3.14 3.59
N LYS A 28 -7.46 -2.43 2.71
CA LYS A 28 -6.57 -3.07 1.75
C LYS A 28 -5.11 -2.76 2.06
N ASN A 29 -4.23 -3.71 1.75
CA ASN A 29 -2.81 -3.53 2.00
C ASN A 29 -2.17 -2.63 0.95
N PHE A 30 -1.49 -1.58 1.42
CA PHE A 30 -0.85 -0.63 0.51
C PHE A 30 0.29 0.10 1.22
N CYS A 31 1.29 0.52 0.46
CA CYS A 31 2.44 1.23 1.00
C CYS A 31 2.03 2.62 1.50
N LEU A 32 2.99 3.34 2.06
CA LEU A 32 2.73 4.69 2.57
C LEU A 32 2.49 5.67 1.43
N ARG A 33 3.18 5.44 0.31
CA ARG A 33 3.02 6.31 -0.86
C ARG A 33 1.59 6.30 -1.37
N HIS A 34 1.01 5.10 -1.47
CA HIS A 34 -0.36 4.95 -1.93
C HIS A 34 -1.35 5.15 -0.79
N ARG A 35 -0.88 4.94 0.44
CA ARG A 35 -1.73 5.09 1.61
C ARG A 35 -2.43 6.46 1.62
N HIS A 36 -1.74 7.45 1.06
CA HIS A 36 -2.29 8.81 1.00
C HIS A 36 -3.66 8.81 0.33
N GLN A 37 -4.62 9.45 0.98
CA GLN A 37 -5.98 9.53 0.44
C GLN A 37 -5.98 10.10 -0.98
N SER A 38 -5.03 11.00 -1.24
CA SER A 38 -4.92 11.62 -2.56
C SER A 38 -4.48 10.60 -3.60
N ASP A 39 -3.57 9.71 -3.21
CA ASP A 39 -3.06 8.69 -4.11
C ASP A 39 -4.07 7.55 -4.26
N HIS A 40 -4.57 7.06 -3.14
CA HIS A 40 -5.54 5.97 -3.14
C HIS A 40 -6.86 6.42 -3.77
N GLU A 41 -7.17 7.70 -3.59
CA GLU A 41 -8.41 8.26 -4.14
C GLU A 41 -9.62 7.52 -3.59
N CYS A 42 -9.59 7.18 -2.30
CA CYS A 42 -10.69 6.47 -1.65
C CYS A 42 -12.02 7.16 -1.94
N GLU A 43 -13.06 6.37 -2.16
CA GLU A 43 -14.38 6.90 -2.43
C GLU A 43 -15.09 7.29 -1.13
N LYS A 44 -14.87 6.50 -0.08
CA LYS A 44 -15.49 6.75 1.21
C LYS A 44 -14.56 7.56 2.11
N LEU A 45 -13.82 8.49 1.51
CA LEU A 45 -12.89 9.33 2.26
C LEU A 45 -12.30 10.41 1.36
ZN ZN B . 3.16 -0.07 -3.24
ZN ZN C . -8.18 3.87 0.90
N GLY A 1 18.31 -16.81 -0.52
CA GLY A 1 17.72 -17.19 0.74
C GLY A 1 16.90 -16.08 1.36
N GLY A 2 17.56 -15.01 1.78
CA GLY A 2 16.87 -13.89 2.39
C GLY A 2 16.38 -12.89 1.36
N SER A 3 16.30 -11.62 1.77
CA SER A 3 15.84 -10.56 0.87
C SER A 3 14.44 -10.86 0.35
N THR A 4 13.53 -11.17 1.28
CA THR A 4 12.15 -11.47 0.93
C THR A 4 11.22 -10.32 1.30
N SER A 5 10.15 -10.15 0.52
CA SER A 5 9.19 -9.08 0.76
C SER A 5 7.93 -9.31 -0.07
N TYR A 6 6.92 -8.47 0.18
CA TYR A 6 5.66 -8.57 -0.54
C TYR A 6 4.96 -7.21 -0.60
N PRO A 7 5.40 -6.37 -1.55
CA PRO A 7 4.85 -5.02 -1.75
C PRO A 7 3.43 -5.06 -2.32
N CYS A 8 2.73 -3.94 -2.24
CA CYS A 8 1.37 -3.85 -2.74
C CYS A 8 1.34 -4.03 -4.26
N SER A 9 0.15 -4.26 -4.80
CA SER A 9 -0.02 -4.45 -6.24
C SER A 9 -0.36 -3.13 -6.93
N PHE A 10 0.56 -2.66 -7.76
CA PHE A 10 0.36 -1.41 -8.49
C PHE A 10 1.51 -1.15 -9.45
N LYS A 11 1.20 -0.57 -10.60
CA LYS A 11 2.20 -0.26 -11.61
C LYS A 11 3.13 0.85 -11.13
N ASP A 12 2.58 1.79 -10.38
CA ASP A 12 3.35 2.92 -9.86
C ASP A 12 3.89 2.61 -8.48
N CYS A 13 3.92 1.32 -8.13
CA CYS A 13 4.41 0.89 -6.83
C CYS A 13 5.94 0.73 -6.84
N ALA A 14 6.60 1.28 -5.83
CA ALA A 14 8.05 1.20 -5.73
C ALA A 14 8.48 0.91 -4.30
N GLU A 15 7.89 1.63 -3.35
CA GLU A 15 8.22 1.46 -1.94
C GLU A 15 7.96 0.03 -1.49
N ARG A 16 8.74 -0.45 -0.53
CA ARG A 16 8.61 -1.80 -0.02
C ARG A 16 8.82 -1.84 1.49
N GLU A 17 7.85 -2.39 2.21
CA GLU A 17 7.93 -2.48 3.66
C GLU A 17 7.61 -3.90 4.14
N LEU A 18 8.14 -4.27 5.30
CA LEU A 18 7.92 -5.60 5.86
C LEU A 18 6.43 -5.86 6.02
N VAL A 19 5.65 -4.79 6.16
CA VAL A 19 4.20 -4.92 6.33
C VAL A 19 3.48 -3.72 5.72
N ALA A 20 2.50 -4.00 4.86
CA ALA A 20 1.73 -2.96 4.21
C ALA A 20 0.60 -2.46 5.11
N VAL A 21 0.31 -1.17 5.02
CA VAL A 21 -0.75 -0.58 5.83
C VAL A 21 -2.13 -1.02 5.35
N ILE A 22 -3.06 -1.14 6.28
CA ILE A 22 -4.42 -1.56 5.95
C ILE A 22 -5.40 -0.40 6.08
N CYS A 23 -5.97 0.02 4.96
CA CYS A 23 -6.93 1.12 4.94
C CYS A 23 -8.10 0.84 5.89
N PRO A 24 -8.70 1.91 6.42
CA PRO A 24 -9.84 1.81 7.34
C PRO A 24 -11.10 1.31 6.66
N TYR A 25 -11.27 1.67 5.39
CA TYR A 25 -12.43 1.25 4.62
C TYR A 25 -12.07 0.16 3.63
N CYS A 26 -11.03 0.39 2.84
CA CYS A 26 -10.57 -0.58 1.86
C CYS A 26 -10.06 -1.85 2.53
N GLU A 27 -9.53 -1.70 3.74
CA GLU A 27 -9.01 -2.83 4.49
C GLU A 27 -8.07 -3.67 3.62
N LYS A 28 -7.33 -3.00 2.75
CA LYS A 28 -6.39 -3.69 1.86
C LYS A 28 -4.96 -3.29 2.17
N ASN A 29 -4.02 -4.18 1.89
CA ASN A 29 -2.61 -3.93 2.14
C ASN A 29 -2.02 -3.02 1.07
N PHE A 30 -1.40 -1.93 1.50
CA PHE A 30 -0.80 -0.98 0.56
C PHE A 30 0.37 -0.24 1.22
N CYS A 31 1.22 0.36 0.40
CA CYS A 31 2.38 1.09 0.89
C CYS A 31 1.96 2.48 1.40
N LEU A 32 2.92 3.21 1.93
CA LEU A 32 2.67 4.55 2.45
C LEU A 32 2.37 5.53 1.32
N ARG A 33 3.04 5.33 0.19
CA ARG A 33 2.85 6.19 -0.98
C ARG A 33 1.40 6.15 -1.45
N HIS A 34 0.85 4.95 -1.55
CA HIS A 34 -0.53 4.77 -1.99
C HIS A 34 -1.50 4.93 -0.82
N ARG A 35 -0.99 4.73 0.39
CA ARG A 35 -1.81 4.84 1.59
C ARG A 35 -2.56 6.18 1.61
N HIS A 36 -1.93 7.21 1.06
CA HIS A 36 -2.54 8.53 1.01
C HIS A 36 -3.92 8.48 0.37
N GLN A 37 -4.92 8.96 1.11
CA GLN A 37 -6.29 8.97 0.61
C GLN A 37 -6.39 9.68 -0.74
N SER A 38 -5.55 10.69 -0.92
CA SER A 38 -5.54 11.46 -2.17
C SER A 38 -5.11 10.58 -3.34
N ASP A 39 -4.10 9.74 -3.11
CA ASP A 39 -3.60 8.85 -4.14
C ASP A 39 -4.52 7.65 -4.32
N HIS A 40 -4.87 7.02 -3.21
CA HIS A 40 -5.75 5.85 -3.25
C HIS A 40 -7.13 6.22 -3.81
N GLU A 41 -7.54 7.46 -3.57
CA GLU A 41 -8.84 7.94 -4.04
C GLU A 41 -9.97 7.07 -3.49
N CYS A 42 -9.85 6.68 -2.23
CA CYS A 42 -10.86 5.85 -1.59
C CYS A 42 -12.26 6.45 -1.76
N GLU A 43 -13.27 5.61 -1.59
CA GLU A 43 -14.66 6.06 -1.74
C GLU A 43 -15.08 6.93 -0.55
N LYS A 44 -14.71 6.50 0.65
CA LYS A 44 -15.05 7.23 1.87
C LYS A 44 -13.86 8.04 2.36
N LEU A 45 -13.08 8.57 1.43
CA LEU A 45 -11.90 9.37 1.77
C LEU A 45 -12.30 10.62 2.53
ZN ZN B . 3.13 -0.12 -3.44
ZN ZN C . -8.09 3.28 0.70
N GLY A 1 21.39 -15.51 -1.34
CA GLY A 1 20.50 -15.24 -0.23
C GLY A 1 19.93 -13.84 -0.26
N GLY A 2 18.84 -13.66 -0.98
CA GLY A 2 18.21 -12.36 -1.08
C GLY A 2 17.07 -12.19 -0.09
N SER A 3 16.75 -10.94 0.23
CA SER A 3 15.68 -10.65 1.17
C SER A 3 14.31 -10.70 0.48
N THR A 4 13.45 -11.58 0.96
CA THR A 4 12.12 -11.73 0.39
C THR A 4 11.12 -10.78 1.04
N SER A 5 10.19 -10.27 0.25
CA SER A 5 9.18 -9.34 0.75
C SER A 5 7.89 -9.46 -0.04
N TYR A 6 6.85 -8.77 0.41
CA TYR A 6 5.56 -8.79 -0.26
C TYR A 6 4.94 -7.40 -0.31
N PRO A 7 5.40 -6.58 -1.27
CA PRO A 7 4.90 -5.21 -1.44
C PRO A 7 3.47 -5.18 -1.96
N CYS A 8 2.83 -4.00 -1.87
CA CYS A 8 1.46 -3.84 -2.34
C CYS A 8 1.37 -4.05 -3.84
N SER A 9 0.14 -4.22 -4.33
CA SER A 9 -0.09 -4.44 -5.76
C SER A 9 -0.38 -3.12 -6.46
N PHE A 10 0.53 -2.71 -7.33
CA PHE A 10 0.38 -1.47 -8.08
C PHE A 10 1.54 -1.26 -9.05
N LYS A 11 1.24 -0.66 -10.20
CA LYS A 11 2.27 -0.40 -11.21
C LYS A 11 3.17 0.75 -10.79
N ASP A 12 2.61 1.70 -10.05
CA ASP A 12 3.36 2.86 -9.59
C ASP A 12 3.94 2.60 -8.21
N CYS A 13 4.01 1.34 -7.82
CA CYS A 13 4.55 0.96 -6.52
C CYS A 13 6.07 0.93 -6.55
N ALA A 14 6.69 1.72 -5.67
CA ALA A 14 8.15 1.79 -5.59
C ALA A 14 8.61 1.75 -4.14
N GLU A 15 7.91 0.99 -3.31
CA GLU A 15 8.26 0.87 -1.91
C GLU A 15 8.08 -0.57 -1.41
N ARG A 16 8.95 -1.00 -0.51
CA ARG A 16 8.89 -2.35 0.02
C ARG A 16 9.10 -2.34 1.54
N GLU A 17 8.11 -2.84 2.27
CA GLU A 17 8.19 -2.89 3.73
C GLU A 17 7.70 -4.24 4.26
N LEU A 18 8.03 -4.53 5.51
CA LEU A 18 7.63 -5.78 6.14
C LEU A 18 6.11 -5.94 6.11
N VAL A 19 5.41 -5.02 6.75
CA VAL A 19 3.95 -5.04 6.79
C VAL A 19 3.35 -3.80 6.16
N ALA A 20 2.45 -4.00 5.21
CA ALA A 20 1.79 -2.88 4.54
C ALA A 20 0.62 -2.35 5.34
N VAL A 21 0.52 -1.04 5.46
CA VAL A 21 -0.55 -0.40 6.20
C VAL A 21 -1.91 -0.68 5.57
N ILE A 22 -2.93 -0.86 6.41
CA ILE A 22 -4.27 -1.14 5.92
C ILE A 22 -5.16 0.10 6.03
N CYS A 23 -5.99 0.32 5.01
CA CYS A 23 -6.88 1.46 4.99
C CYS A 23 -8.06 1.24 5.94
N PRO A 24 -8.61 2.35 6.45
CA PRO A 24 -9.75 2.31 7.37
C PRO A 24 -11.04 1.87 6.68
N TYR A 25 -11.19 2.24 5.42
CA TYR A 25 -12.38 1.88 4.65
C TYR A 25 -12.06 0.77 3.66
N CYS A 26 -11.01 0.96 2.87
CA CYS A 26 -10.61 -0.02 1.87
C CYS A 26 -10.16 -1.32 2.54
N GLU A 27 -9.62 -1.19 3.75
CA GLU A 27 -9.14 -2.35 4.50
C GLU A 27 -8.25 -3.23 3.63
N LYS A 28 -7.48 -2.59 2.76
CA LYS A 28 -6.57 -3.31 1.87
C LYS A 28 -5.12 -3.02 2.22
N ASN A 29 -4.24 -3.97 1.93
CA ASN A 29 -2.81 -3.81 2.21
C ASN A 29 -2.15 -2.91 1.19
N PHE A 30 -1.53 -1.83 1.66
CA PHE A 30 -0.86 -0.88 0.78
C PHE A 30 0.26 -0.16 1.53
N CYS A 31 1.18 0.43 0.77
CA CYS A 31 2.31 1.15 1.34
C CYS A 31 1.86 2.52 1.86
N LEU A 32 2.80 3.26 2.45
CA LEU A 32 2.51 4.57 2.99
C LEU A 32 2.28 5.58 1.86
N ARG A 33 2.94 5.35 0.73
CA ARG A 33 2.80 6.23 -0.43
C ARG A 33 1.38 6.19 -0.98
N HIS A 34 0.86 4.99 -1.18
CA HIS A 34 -0.48 4.81 -1.70
C HIS A 34 -1.53 5.07 -0.61
N ARG A 35 -1.12 4.93 0.64
CA ARG A 35 -2.01 5.14 1.77
C ARG A 35 -2.71 6.49 1.66
N HIS A 36 -2.02 7.46 1.07
CA HIS A 36 -2.57 8.81 0.90
C HIS A 36 -3.93 8.74 0.21
N GLN A 37 -4.96 9.22 0.91
CA GLN A 37 -6.31 9.22 0.37
C GLN A 37 -6.36 9.95 -0.98
N SER A 38 -5.51 10.96 -1.12
CA SER A 38 -5.46 11.74 -2.35
C SER A 38 -5.10 10.86 -3.54
N ASP A 39 -4.08 10.03 -3.37
CA ASP A 39 -3.65 9.13 -4.44
C ASP A 39 -4.56 7.92 -4.53
N HIS A 40 -4.82 7.29 -3.38
CA HIS A 40 -5.69 6.11 -3.33
C HIS A 40 -7.06 6.42 -3.92
N GLU A 41 -7.51 7.67 -3.75
CA GLU A 41 -8.80 8.10 -4.26
C GLU A 41 -9.93 7.28 -3.63
N CYS A 42 -9.78 6.96 -2.34
CA CYS A 42 -10.78 6.19 -1.62
C CYS A 42 -12.17 6.77 -1.83
N GLU A 43 -13.16 5.89 -1.99
CA GLU A 43 -14.53 6.32 -2.20
C GLU A 43 -14.99 7.25 -1.08
N LYS A 44 -14.57 6.96 0.13
CA LYS A 44 -14.93 7.78 1.29
C LYS A 44 -14.07 9.03 1.37
N LEU A 45 -12.92 8.98 0.70
CA LEU A 45 -12.00 10.12 0.69
C LEU A 45 -11.50 10.41 -0.72
ZN ZN B . 3.32 -0.04 -2.94
ZN ZN C . -7.99 3.76 0.78
N GLY A 1 19.15 -12.97 -4.79
CA GLY A 1 19.12 -13.90 -3.68
C GLY A 1 19.17 -13.20 -2.33
N GLY A 2 18.85 -13.94 -1.27
CA GLY A 2 18.86 -13.36 0.06
C GLY A 2 17.48 -13.23 0.65
N SER A 3 17.24 -12.13 1.35
CA SER A 3 15.93 -11.89 1.97
C SER A 3 14.85 -11.73 0.92
N THR A 4 13.63 -11.46 1.37
CA THR A 4 12.50 -11.28 0.46
C THR A 4 11.44 -10.38 1.09
N SER A 5 10.60 -9.80 0.24
CA SER A 5 9.54 -8.92 0.70
C SER A 5 8.26 -9.11 -0.12
N TYR A 6 7.17 -8.49 0.31
CA TYR A 6 5.90 -8.60 -0.38
C TYR A 6 5.17 -7.26 -0.40
N PRO A 7 5.59 -6.38 -1.33
CA PRO A 7 4.99 -5.05 -1.48
C PRO A 7 3.58 -5.10 -2.02
N CYS A 8 2.87 -3.98 -1.96
CA CYS A 8 1.50 -3.90 -2.44
C CYS A 8 1.45 -4.09 -3.96
N SER A 9 0.26 -4.33 -4.48
CA SER A 9 0.08 -4.54 -5.92
C SER A 9 -0.27 -3.23 -6.61
N PHE A 10 0.64 -2.76 -7.47
CA PHE A 10 0.44 -1.51 -8.19
C PHE A 10 1.59 -1.25 -9.16
N LYS A 11 1.31 -0.51 -10.22
CA LYS A 11 2.33 -0.18 -11.22
C LYS A 11 3.24 0.94 -10.72
N ASP A 12 2.67 1.85 -9.93
CA ASP A 12 3.43 2.97 -9.40
C ASP A 12 4.00 2.63 -8.03
N CYS A 13 4.06 1.34 -7.72
CA CYS A 13 4.58 0.88 -6.44
C CYS A 13 6.10 0.77 -6.47
N ALA A 14 6.76 1.26 -5.43
CA ALA A 14 8.21 1.21 -5.34
C ALA A 14 8.66 0.93 -3.91
N GLU A 15 8.02 1.60 -2.95
CA GLU A 15 8.36 1.42 -1.55
C GLU A 15 8.11 -0.01 -1.09
N ARG A 16 8.90 -0.47 -0.14
CA ARG A 16 8.78 -1.82 0.38
C ARG A 16 8.94 -1.85 1.91
N GLU A 17 8.01 -2.51 2.58
CA GLU A 17 8.05 -2.60 4.03
C GLU A 17 7.69 -4.01 4.50
N LEU A 18 8.21 -4.39 5.67
CA LEU A 18 7.95 -5.72 6.22
C LEU A 18 6.45 -5.96 6.36
N VAL A 19 5.69 -4.88 6.52
CA VAL A 19 4.25 -4.97 6.65
C VAL A 19 3.55 -3.77 6.02
N ALA A 20 2.59 -4.04 5.15
CA ALA A 20 1.85 -2.99 4.47
C ALA A 20 0.71 -2.47 5.34
N VAL A 21 0.52 -1.15 5.35
CA VAL A 21 -0.54 -0.53 6.14
C VAL A 21 -1.91 -0.87 5.58
N ILE A 22 -2.89 -1.02 6.46
CA ILE A 22 -4.25 -1.35 6.05
C ILE A 22 -5.14 -0.11 6.10
N CYS A 23 -6.00 0.04 5.10
CA CYS A 23 -6.90 1.18 5.03
C CYS A 23 -8.10 0.98 5.95
N PRO A 24 -8.68 2.09 6.42
CA PRO A 24 -9.84 2.06 7.31
C PRO A 24 -11.10 1.57 6.61
N TYR A 25 -11.23 1.91 5.34
CA TYR A 25 -12.40 1.51 4.56
C TYR A 25 -12.05 0.38 3.59
N CYS A 26 -10.98 0.58 2.82
CA CYS A 26 -10.54 -0.41 1.86
C CYS A 26 -10.06 -1.68 2.56
N GLU A 27 -9.55 -1.52 3.78
CA GLU A 27 -9.06 -2.66 4.56
C GLU A 27 -8.14 -3.54 3.72
N LYS A 28 -7.40 -2.91 2.80
CA LYS A 28 -6.48 -3.64 1.94
C LYS A 28 -5.03 -3.32 2.30
N ASN A 29 -4.12 -4.23 1.96
CA ASN A 29 -2.71 -4.05 2.23
C ASN A 29 -2.05 -3.14 1.19
N PHE A 30 -1.49 -2.03 1.66
CA PHE A 30 -0.83 -1.07 0.78
C PHE A 30 0.29 -0.34 1.50
N CYS A 31 1.17 0.28 0.73
CA CYS A 31 2.30 1.02 1.30
C CYS A 31 1.85 2.40 1.80
N LEU A 32 2.77 3.14 2.40
CA LEU A 32 2.47 4.46 2.91
C LEU A 32 2.24 5.45 1.78
N ARG A 33 2.95 5.26 0.67
CA ARG A 33 2.82 6.14 -0.49
C ARG A 33 1.39 6.10 -1.04
N HIS A 34 0.86 4.88 -1.18
CA HIS A 34 -0.49 4.71 -1.70
C HIS A 34 -1.53 4.91 -0.60
N ARG A 35 -1.10 4.73 0.65
CA ARG A 35 -1.99 4.87 1.80
C ARG A 35 -2.71 6.21 1.75
N HIS A 36 -2.04 7.22 1.19
CA HIS A 36 -2.61 8.55 1.09
C HIS A 36 -3.98 8.51 0.41
N GLN A 37 -5.01 8.94 1.13
CA GLN A 37 -6.37 8.94 0.59
C GLN A 37 -6.43 9.71 -0.72
N SER A 38 -5.60 10.74 -0.84
CA SER A 38 -5.56 11.56 -2.05
C SER A 38 -5.20 10.73 -3.27
N ASP A 39 -4.17 9.91 -3.12
CA ASP A 39 -3.72 9.05 -4.21
C ASP A 39 -4.62 7.83 -4.36
N HIS A 40 -4.88 7.16 -3.24
CA HIS A 40 -5.73 5.97 -3.24
C HIS A 40 -7.12 6.30 -3.79
N GLU A 41 -7.57 7.54 -3.58
CA GLU A 41 -8.87 7.97 -4.05
C GLU A 41 -9.98 7.10 -3.47
N CYS A 42 -9.83 6.74 -2.20
CA CYS A 42 -10.82 5.90 -1.53
C CYS A 42 -12.23 6.47 -1.70
N GLU A 43 -13.20 5.59 -1.81
CA GLU A 43 -14.59 6.01 -1.98
C GLU A 43 -15.06 6.84 -0.80
N LYS A 44 -14.62 6.47 0.40
CA LYS A 44 -14.99 7.20 1.60
C LYS A 44 -13.90 8.18 2.01
N LEU A 45 -13.29 8.82 1.02
CA LEU A 45 -12.23 9.79 1.27
C LEU A 45 -12.69 10.86 2.25
ZN ZN B . 3.28 -0.15 -2.99
ZN ZN C . -7.99 3.40 0.78
N GLY A 1 21.30 -13.67 -1.55
CA GLY A 1 20.84 -13.55 -2.92
C GLY A 1 19.65 -12.61 -3.05
N GLY A 2 18.50 -13.05 -2.55
CA GLY A 2 17.30 -12.23 -2.62
C GLY A 2 16.84 -11.75 -1.27
N SER A 3 15.60 -11.27 -1.19
CA SER A 3 15.04 -10.78 0.06
C SER A 3 13.54 -10.98 0.10
N THR A 4 13.09 -11.88 0.97
CA THR A 4 11.67 -12.18 1.11
C THR A 4 10.88 -10.92 1.40
N SER A 5 9.78 -10.73 0.67
CA SER A 5 8.93 -9.55 0.86
C SER A 5 7.66 -9.67 0.02
N TYR A 6 6.74 -8.72 0.21
CA TYR A 6 5.49 -8.71 -0.53
C TYR A 6 4.89 -7.32 -0.57
N PRO A 7 5.41 -6.48 -1.48
CA PRO A 7 4.95 -5.10 -1.64
C PRO A 7 3.55 -5.02 -2.25
N CYS A 8 2.85 -3.92 -1.99
CA CYS A 8 1.51 -3.74 -2.51
C CYS A 8 1.48 -3.90 -4.03
N SER A 9 0.27 -4.04 -4.58
CA SER A 9 0.11 -4.20 -6.02
C SER A 9 -0.12 -2.86 -6.70
N PHE A 10 0.85 -2.45 -7.53
CA PHE A 10 0.75 -1.18 -8.24
C PHE A 10 1.94 -0.99 -9.16
N LYS A 11 1.68 -0.51 -10.37
CA LYS A 11 2.73 -0.28 -11.36
C LYS A 11 3.64 0.85 -10.92
N ASP A 12 3.08 1.84 -10.22
CA ASP A 12 3.84 2.97 -9.73
C ASP A 12 4.38 2.72 -8.33
N CYS A 13 4.40 1.45 -7.93
CA CYS A 13 4.88 1.08 -6.61
C CYS A 13 6.41 0.92 -6.61
N ALA A 14 7.03 1.34 -5.52
CA ALA A 14 8.49 1.24 -5.39
C ALA A 14 8.89 0.93 -3.96
N GLU A 15 8.22 1.58 -3.01
CA GLU A 15 8.51 1.36 -1.59
C GLU A 15 8.19 -0.07 -1.17
N ARG A 16 8.97 -0.61 -0.25
CA ARG A 16 8.78 -1.98 0.23
C ARG A 16 8.99 -2.06 1.74
N GLU A 17 8.04 -2.68 2.43
CA GLU A 17 8.13 -2.83 3.88
C GLU A 17 7.64 -4.21 4.31
N LEU A 18 7.87 -4.53 5.58
CA LEU A 18 7.45 -5.82 6.12
C LEU A 18 5.94 -5.93 6.15
N VAL A 19 5.29 -4.93 6.73
CA VAL A 19 3.83 -4.91 6.83
C VAL A 19 3.25 -3.71 6.08
N ALA A 20 2.29 -3.98 5.20
CA ALA A 20 1.65 -2.93 4.42
C ALA A 20 0.53 -2.27 5.21
N VAL A 21 0.35 -0.96 5.00
CA VAL A 21 -0.69 -0.21 5.69
C VAL A 21 -2.08 -0.71 5.31
N ILE A 22 -2.98 -0.76 6.30
CA ILE A 22 -4.34 -1.22 6.06
C ILE A 22 -5.33 -0.08 6.20
N CYS A 23 -6.04 0.21 5.11
CA CYS A 23 -7.03 1.28 5.11
C CYS A 23 -8.19 0.96 6.04
N PRO A 24 -8.84 2.01 6.55
CA PRO A 24 -9.98 1.87 7.47
C PRO A 24 -11.22 1.31 6.77
N TYR A 25 -11.41 1.69 5.51
CA TYR A 25 -12.56 1.23 4.73
C TYR A 25 -12.13 0.18 3.71
N CYS A 26 -11.10 0.50 2.94
CA CYS A 26 -10.59 -0.42 1.92
C CYS A 26 -10.02 -1.68 2.57
N GLU A 27 -9.48 -1.53 3.77
CA GLU A 27 -8.90 -2.65 4.50
C GLU A 27 -7.93 -3.43 3.60
N LYS A 28 -7.28 -2.72 2.68
CA LYS A 28 -6.33 -3.35 1.76
C LYS A 28 -4.91 -3.01 2.15
N ASN A 29 -3.96 -3.85 1.72
CA ASN A 29 -2.56 -3.64 2.02
C ASN A 29 -1.91 -2.72 1.00
N PHE A 30 -1.34 -1.61 1.48
CA PHE A 30 -0.70 -0.64 0.61
C PHE A 30 0.39 0.12 1.36
N CYS A 31 1.40 0.57 0.63
CA CYS A 31 2.51 1.30 1.22
C CYS A 31 2.05 2.68 1.70
N LEU A 32 2.96 3.43 2.30
CA LEU A 32 2.65 4.76 2.81
C LEU A 32 2.41 5.74 1.65
N ARG A 33 3.16 5.54 0.57
CA ARG A 33 3.02 6.41 -0.61
C ARG A 33 1.61 6.36 -1.16
N HIS A 34 1.06 5.15 -1.27
CA HIS A 34 -0.30 4.97 -1.80
C HIS A 34 -1.33 5.14 -0.68
N ARG A 35 -0.89 4.94 0.56
CA ARG A 35 -1.78 5.06 1.71
C ARG A 35 -2.50 6.40 1.69
N HIS A 36 -1.83 7.43 1.15
CA HIS A 36 -2.41 8.76 1.08
C HIS A 36 -3.77 8.73 0.38
N GLN A 37 -4.75 9.41 0.95
CA GLN A 37 -6.09 9.46 0.38
C GLN A 37 -6.04 9.94 -1.07
N SER A 38 -5.10 10.83 -1.36
CA SER A 38 -4.95 11.38 -2.70
C SER A 38 -4.39 10.33 -3.65
N ASP A 39 -3.50 9.49 -3.14
CA ASP A 39 -2.89 8.44 -3.95
C ASP A 39 -3.85 7.28 -4.15
N HIS A 40 -4.45 6.82 -3.06
CA HIS A 40 -5.40 5.70 -3.12
C HIS A 40 -6.70 6.13 -3.79
N GLU A 41 -7.08 7.39 -3.57
CA GLU A 41 -8.31 7.92 -4.15
C GLU A 41 -9.53 7.15 -3.65
N CYS A 42 -9.51 6.81 -2.36
CA CYS A 42 -10.62 6.07 -1.76
C CYS A 42 -11.96 6.74 -2.06
N GLU A 43 -12.99 5.92 -2.25
CA GLU A 43 -14.31 6.43 -2.55
C GLU A 43 -15.05 6.84 -1.27
N LYS A 44 -14.81 6.09 -0.20
CA LYS A 44 -15.43 6.37 1.09
C LYS A 44 -14.54 7.23 1.96
N LEU A 45 -13.85 8.18 1.32
CA LEU A 45 -12.96 9.09 2.05
C LEU A 45 -13.74 10.18 2.74
ZN ZN B . 3.40 0.05 -3.00
ZN ZN C . -8.12 3.48 0.82
N GLY A 1 15.36 -17.74 -0.25
CA GLY A 1 16.76 -17.37 -0.17
C GLY A 1 16.97 -15.86 -0.26
N GLY A 2 18.09 -15.40 0.28
CA GLY A 2 18.39 -13.97 0.25
C GLY A 2 17.29 -13.14 0.88
N SER A 3 17.00 -12.00 0.27
CA SER A 3 15.96 -11.11 0.79
C SER A 3 14.58 -11.56 0.34
N THR A 4 13.55 -10.92 0.87
CA THR A 4 12.17 -11.27 0.53
C THR A 4 11.19 -10.26 1.12
N SER A 5 10.16 -9.93 0.35
CA SER A 5 9.15 -8.97 0.79
C SER A 5 7.84 -9.16 0.02
N TYR A 6 6.81 -8.43 0.43
CA TYR A 6 5.51 -8.52 -0.22
C TYR A 6 4.84 -7.15 -0.27
N PRO A 7 5.25 -6.32 -1.24
CA PRO A 7 4.69 -4.98 -1.43
C PRO A 7 3.24 -5.01 -1.92
N CYS A 8 2.69 -3.83 -2.18
CA CYS A 8 1.32 -3.72 -2.65
C CYS A 8 1.25 -3.84 -4.17
N SER A 9 0.05 -4.05 -4.69
CA SER A 9 -0.15 -4.19 -6.12
C SER A 9 -0.51 -2.84 -6.76
N PHE A 10 0.39 -2.34 -7.59
CA PHE A 10 0.16 -1.05 -8.27
C PHE A 10 1.28 -0.76 -9.25
N LYS A 11 0.95 0.00 -10.29
CA LYS A 11 1.93 0.37 -11.31
C LYS A 11 2.92 1.41 -10.78
N ASP A 12 2.43 2.28 -9.90
CA ASP A 12 3.26 3.32 -9.31
C ASP A 12 3.87 2.85 -8.00
N CYS A 13 3.89 1.54 -7.79
CA CYS A 13 4.44 0.96 -6.57
C CYS A 13 5.95 0.86 -6.65
N ALA A 14 6.65 1.48 -5.70
CA ALA A 14 8.10 1.45 -5.66
C ALA A 14 8.61 1.17 -4.25
N GLU A 15 7.97 1.77 -3.27
CA GLU A 15 8.36 1.58 -1.87
C GLU A 15 7.93 0.20 -1.37
N ARG A 16 8.74 -0.37 -0.48
CA ARG A 16 8.45 -1.69 0.08
C ARG A 16 8.74 -1.72 1.58
N GLU A 17 7.85 -2.36 2.33
CA GLU A 17 8.01 -2.47 3.78
C GLU A 17 7.55 -3.83 4.28
N LEU A 18 7.91 -4.15 5.51
CA LEU A 18 7.53 -5.43 6.12
C LEU A 18 6.01 -5.59 6.12
N VAL A 19 5.32 -4.66 6.77
CA VAL A 19 3.87 -4.71 6.84
C VAL A 19 3.24 -3.48 6.18
N ALA A 20 2.31 -3.72 5.25
CA ALA A 20 1.64 -2.63 4.55
C ALA A 20 0.47 -2.09 5.37
N VAL A 21 0.24 -0.79 5.26
CA VAL A 21 -0.85 -0.15 5.99
C VAL A 21 -2.20 -0.66 5.52
N ILE A 22 -3.13 -0.83 6.46
CA ILE A 22 -4.46 -1.31 6.14
C ILE A 22 -5.51 -0.22 6.33
N CYS A 23 -6.08 0.25 5.22
CA CYS A 23 -7.09 1.30 5.26
C CYS A 23 -8.28 0.87 6.12
N PRO A 24 -8.96 1.86 6.71
CA PRO A 24 -10.13 1.62 7.57
C PRO A 24 -11.34 1.12 6.78
N TYR A 25 -11.46 1.59 5.55
CA TYR A 25 -12.57 1.20 4.68
C TYR A 25 -12.12 0.20 3.64
N CYS A 26 -11.04 0.53 2.92
CA CYS A 26 -10.51 -0.36 1.90
C CYS A 26 -9.99 -1.65 2.49
N GLU A 27 -9.51 -1.57 3.74
CA GLU A 27 -8.99 -2.75 4.43
C GLU A 27 -7.99 -3.49 3.55
N LYS A 28 -7.25 -2.74 2.74
CA LYS A 28 -6.26 -3.33 1.85
C LYS A 28 -4.84 -2.97 2.29
N ASN A 29 -3.90 -3.88 2.06
CA ASN A 29 -2.51 -3.66 2.43
C ASN A 29 -1.78 -2.86 1.36
N PHE A 30 -1.36 -1.65 1.70
CA PHE A 30 -0.65 -0.79 0.77
C PHE A 30 0.56 -0.15 1.43
N CYS A 31 1.48 0.36 0.61
CA CYS A 31 2.68 1.01 1.11
C CYS A 31 2.38 2.41 1.63
N LEU A 32 3.40 3.07 2.17
CA LEU A 32 3.24 4.42 2.70
C LEU A 32 3.02 5.42 1.57
N ARG A 33 3.57 5.13 0.40
CA ARG A 33 3.43 6.01 -0.75
C ARG A 33 1.98 6.10 -1.19
N HIS A 34 1.27 4.97 -1.11
CA HIS A 34 -0.13 4.92 -1.50
C HIS A 34 -1.04 5.13 -0.29
N ARG A 35 -0.46 5.05 0.89
CA ARG A 35 -1.21 5.23 2.13
C ARG A 35 -2.02 6.52 2.10
N HIS A 36 -1.41 7.58 1.57
CA HIS A 36 -2.08 8.88 1.49
C HIS A 36 -3.41 8.75 0.74
N GLN A 37 -4.45 9.36 1.30
CA GLN A 37 -5.78 9.31 0.70
C GLN A 37 -5.73 9.82 -0.75
N SER A 38 -4.85 10.78 -1.00
CA SER A 38 -4.71 11.35 -2.34
C SER A 38 -4.16 10.31 -3.32
N ASP A 39 -3.26 9.48 -2.84
CA ASP A 39 -2.66 8.44 -3.67
C ASP A 39 -3.61 7.27 -3.85
N HIS A 40 -4.17 6.79 -2.74
CA HIS A 40 -5.11 5.67 -2.78
C HIS A 40 -6.39 6.06 -3.52
N GLU A 41 -6.79 7.32 -3.40
CA GLU A 41 -7.99 7.82 -4.05
C GLU A 41 -9.24 7.10 -3.52
N CYS A 42 -9.22 6.81 -2.22
CA CYS A 42 -10.35 6.12 -1.59
C CYS A 42 -11.67 6.81 -1.94
N GLU A 43 -12.66 6.02 -2.33
CA GLU A 43 -13.97 6.55 -2.69
C GLU A 43 -14.83 6.77 -1.45
N LYS A 44 -14.65 5.90 -0.46
CA LYS A 44 -15.41 6.00 0.79
C LYS A 44 -14.63 6.78 1.84
N LEU A 45 -13.93 7.82 1.39
CA LEU A 45 -13.14 8.65 2.30
C LEU A 45 -13.98 9.12 3.48
ZN ZN B . 3.18 -0.09 -3.15
ZN ZN C . -7.97 3.57 1.02
N GLY A 1 22.07 -14.60 -1.69
CA GLY A 1 21.04 -13.82 -1.03
C GLY A 1 20.18 -14.65 -0.10
N GLY A 2 18.99 -14.13 0.22
CA GLY A 2 18.10 -14.85 1.10
C GLY A 2 17.11 -13.93 1.79
N SER A 3 16.32 -13.20 1.01
CA SER A 3 15.34 -12.27 1.55
C SER A 3 14.16 -12.10 0.59
N THR A 4 12.97 -12.01 1.16
CA THR A 4 11.76 -11.86 0.37
C THR A 4 10.76 -10.92 1.05
N SER A 5 9.87 -10.33 0.26
CA SER A 5 8.87 -9.41 0.79
C SER A 5 7.55 -9.53 0.02
N TYR A 6 6.54 -8.84 0.49
CA TYR A 6 5.22 -8.86 -0.15
C TYR A 6 4.62 -7.46 -0.23
N PRO A 7 5.08 -6.68 -1.23
CA PRO A 7 4.60 -5.31 -1.44
C PRO A 7 3.16 -5.27 -1.93
N CYS A 8 2.62 -4.06 -2.03
CA CYS A 8 1.24 -3.88 -2.48
C CYS A 8 1.14 -4.04 -4.00
N SER A 9 -0.08 -4.21 -4.50
CA SER A 9 -0.31 -4.37 -5.93
C SER A 9 -0.62 -3.03 -6.59
N PHE A 10 0.28 -2.58 -7.44
CA PHE A 10 0.11 -1.31 -8.15
C PHE A 10 1.24 -1.08 -9.14
N LYS A 11 0.94 -0.34 -10.21
CA LYS A 11 1.93 -0.04 -11.24
C LYS A 11 2.86 1.06 -10.78
N ASP A 12 2.35 1.98 -9.98
CA ASP A 12 3.15 3.10 -9.47
C ASP A 12 3.76 2.75 -8.12
N CYS A 13 3.82 1.46 -7.82
CA CYS A 13 4.38 0.99 -6.55
C CYS A 13 5.90 0.87 -6.65
N ALA A 14 6.62 1.57 -5.78
CA ALA A 14 8.07 1.54 -5.76
C ALA A 14 8.60 1.50 -4.33
N GLU A 15 7.87 0.83 -3.45
CA GLU A 15 8.27 0.72 -2.06
C GLU A 15 8.01 -0.69 -1.51
N ARG A 16 8.95 -1.20 -0.72
CA ARG A 16 8.82 -2.54 -0.14
C ARG A 16 9.11 -2.51 1.35
N GLU A 17 8.15 -2.95 2.15
CA GLU A 17 8.30 -2.98 3.60
C GLU A 17 7.74 -4.27 4.18
N LEU A 18 8.11 -4.57 5.42
CA LEU A 18 7.65 -5.78 6.09
C LEU A 18 6.12 -5.87 6.02
N VAL A 19 5.44 -4.90 6.64
CA VAL A 19 3.99 -4.89 6.65
C VAL A 19 3.45 -3.57 6.10
N ALA A 20 2.55 -3.67 5.12
CA ALA A 20 1.96 -2.48 4.52
C ALA A 20 0.78 -1.96 5.34
N VAL A 21 0.62 -0.65 5.37
CA VAL A 21 -0.47 -0.04 6.12
C VAL A 21 -1.82 -0.42 5.54
N ILE A 22 -2.81 -0.57 6.41
CA ILE A 22 -4.16 -0.94 6.00
C ILE A 22 -5.10 0.25 6.07
N CYS A 23 -5.94 0.40 5.06
CA CYS A 23 -6.90 1.50 5.00
C CYS A 23 -8.08 1.24 5.95
N PRO A 24 -8.67 2.34 6.45
CA PRO A 24 -9.82 2.25 7.36
C PRO A 24 -11.08 1.74 6.68
N TYR A 25 -11.24 2.09 5.41
CA TYR A 25 -12.40 1.67 4.64
C TYR A 25 -12.04 0.55 3.66
N CYS A 26 -10.99 0.78 2.88
CA CYS A 26 -10.53 -0.21 1.91
C CYS A 26 -10.04 -1.48 2.60
N GLU A 27 -9.51 -1.31 3.82
CA GLU A 27 -8.99 -2.43 4.58
C GLU A 27 -8.07 -3.30 3.73
N LYS A 28 -7.34 -2.67 2.82
CA LYS A 28 -6.43 -3.39 1.94
C LYS A 28 -4.97 -3.09 2.31
N ASN A 29 -4.08 -4.02 1.97
CA ASN A 29 -2.66 -3.86 2.26
C ASN A 29 -1.99 -2.96 1.22
N PHE A 30 -1.52 -1.80 1.66
CA PHE A 30 -0.86 -0.86 0.78
C PHE A 30 0.28 -0.15 1.50
N CYS A 31 1.25 0.33 0.72
CA CYS A 31 2.40 1.04 1.28
C CYS A 31 1.99 2.38 1.86
N LEU A 32 2.96 3.09 2.44
CA LEU A 32 2.68 4.39 3.04
C LEU A 32 2.42 5.44 1.96
N ARG A 33 3.06 5.27 0.81
CA ARG A 33 2.90 6.20 -0.30
C ARG A 33 1.46 6.18 -0.81
N HIS A 34 0.94 4.99 -1.07
CA HIS A 34 -0.44 4.84 -1.56
C HIS A 34 -1.44 5.07 -0.43
N ARG A 35 -0.98 4.96 0.81
CA ARG A 35 -1.83 5.15 1.97
C ARG A 35 -2.56 6.49 1.89
N HIS A 36 -1.93 7.47 1.26
CA HIS A 36 -2.52 8.80 1.11
C HIS A 36 -3.89 8.70 0.47
N GLN A 37 -4.89 9.29 1.12
CA GLN A 37 -6.26 9.27 0.61
C GLN A 37 -6.34 9.93 -0.76
N SER A 38 -5.51 10.95 -0.98
CA SER A 38 -5.49 11.67 -2.25
C SER A 38 -4.99 10.76 -3.37
N ASP A 39 -3.93 10.03 -3.10
CA ASP A 39 -3.34 9.11 -4.07
C ASP A 39 -4.24 7.89 -4.29
N HIS A 40 -4.67 7.29 -3.19
CA HIS A 40 -5.53 6.11 -3.26
C HIS A 40 -6.87 6.46 -3.89
N GLU A 41 -7.33 7.67 -3.64
CA GLU A 41 -8.61 8.13 -4.20
C GLU A 41 -9.76 7.27 -3.68
N CYS A 42 -9.69 6.90 -2.40
CA CYS A 42 -10.72 6.08 -1.78
C CYS A 42 -12.11 6.65 -2.08
N GLU A 43 -13.04 5.76 -2.41
CA GLU A 43 -14.41 6.17 -2.70
C GLU A 43 -15.13 6.64 -1.44
N LYS A 44 -14.75 6.05 -0.31
CA LYS A 44 -15.37 6.40 0.97
C LYS A 44 -14.56 7.49 1.67
N LEU A 45 -14.05 8.44 0.89
CA LEU A 45 -13.27 9.54 1.43
C LEU A 45 -13.60 10.85 0.73
ZN ZN B . 3.14 -0.14 -3.04
ZN ZN C . -8.03 3.62 0.70
N GLY A 1 20.39 -14.78 -0.73
CA GLY A 1 19.79 -15.71 0.20
C GLY A 1 18.73 -15.07 1.08
N GLY A 2 17.48 -15.47 0.89
CA GLY A 2 16.39 -14.92 1.67
C GLY A 2 15.92 -13.58 1.14
N SER A 3 15.95 -12.56 1.99
CA SER A 3 15.51 -11.23 1.59
C SER A 3 14.12 -11.26 0.98
N THR A 4 13.27 -12.12 1.52
CA THR A 4 11.90 -12.27 1.04
C THR A 4 11.08 -11.02 1.35
N SER A 5 10.14 -10.71 0.47
CA SER A 5 9.28 -9.54 0.65
C SER A 5 7.98 -9.69 -0.14
N TYR A 6 7.07 -8.75 0.05
CA TYR A 6 5.78 -8.78 -0.64
C TYR A 6 5.15 -7.39 -0.67
N PRO A 7 5.61 -6.55 -1.60
CA PRO A 7 5.11 -5.18 -1.75
C PRO A 7 3.69 -5.15 -2.30
N CYS A 8 2.94 -4.11 -1.95
CA CYS A 8 1.57 -3.96 -2.39
C CYS A 8 1.48 -4.09 -3.91
N SER A 9 0.26 -4.26 -4.41
CA SER A 9 0.04 -4.41 -5.85
C SER A 9 -0.26 -3.06 -6.50
N PHE A 10 0.64 -2.61 -7.35
CA PHE A 10 0.48 -1.34 -8.04
C PHE A 10 1.65 -1.06 -8.97
N LYS A 11 1.36 -0.58 -10.17
CA LYS A 11 2.39 -0.27 -11.15
C LYS A 11 3.08 1.05 -10.83
N ASP A 12 2.33 1.94 -10.18
CA ASP A 12 2.87 3.25 -9.81
C ASP A 12 3.50 3.21 -8.42
N CYS A 13 3.82 2.01 -7.96
CA CYS A 13 4.44 1.83 -6.65
C CYS A 13 5.95 1.97 -6.74
N ALA A 14 6.56 2.47 -5.67
CA ALA A 14 8.00 2.66 -5.62
C ALA A 14 8.53 2.51 -4.20
N GLU A 15 7.93 1.59 -3.44
CA GLU A 15 8.34 1.36 -2.06
C GLU A 15 8.17 -0.10 -1.68
N ARG A 16 8.93 -0.55 -0.69
CA ARG A 16 8.86 -1.93 -0.23
C ARG A 16 9.11 -2.02 1.27
N GLU A 17 8.17 -2.62 1.98
CA GLU A 17 8.28 -2.78 3.43
C GLU A 17 7.89 -4.18 3.87
N LEU A 18 8.34 -4.58 5.05
CA LEU A 18 8.04 -5.90 5.58
C LEU A 18 6.54 -6.09 5.73
N VAL A 19 5.82 -5.00 5.94
CA VAL A 19 4.37 -5.05 6.09
C VAL A 19 3.72 -3.76 5.59
N ALA A 20 2.74 -3.91 4.70
CA ALA A 20 2.03 -2.77 4.15
C ALA A 20 0.92 -2.31 5.08
N VAL A 21 0.70 -0.99 5.12
CA VAL A 21 -0.33 -0.42 5.97
C VAL A 21 -1.73 -0.68 5.41
N ILE A 22 -2.68 -0.92 6.30
CA ILE A 22 -4.06 -1.19 5.89
C ILE A 22 -4.93 0.06 6.02
N CYS A 23 -5.80 0.27 5.04
CA CYS A 23 -6.69 1.43 5.05
C CYS A 23 -7.83 1.22 6.04
N PRO A 24 -8.35 2.35 6.57
CA PRO A 24 -9.46 2.33 7.52
C PRO A 24 -10.78 1.89 6.90
N TYR A 25 -10.97 2.25 5.63
CA TYR A 25 -12.19 1.89 4.91
C TYR A 25 -11.92 0.76 3.92
N CYS A 26 -10.90 0.95 3.09
CA CYS A 26 -10.54 -0.05 2.09
C CYS A 26 -10.08 -1.35 2.76
N GLU A 27 -9.50 -1.22 3.94
CA GLU A 27 -9.02 -2.38 4.68
C GLU A 27 -8.15 -3.26 3.80
N LYS A 28 -7.39 -2.63 2.91
CA LYS A 28 -6.51 -3.36 2.00
C LYS A 28 -5.04 -3.02 2.27
N ASN A 29 -4.16 -3.99 2.01
CA ASN A 29 -2.73 -3.78 2.23
C ASN A 29 -2.14 -2.88 1.15
N PHE A 30 -1.46 -1.82 1.58
CA PHE A 30 -0.85 -0.89 0.65
C PHE A 30 0.30 -0.13 1.32
N CYS A 31 1.23 0.36 0.51
CA CYS A 31 2.38 1.11 1.02
C CYS A 31 1.95 2.50 1.49
N LEU A 32 2.91 3.25 2.03
CA LEU A 32 2.64 4.60 2.52
C LEU A 32 2.30 5.54 1.37
N ARG A 33 2.94 5.32 0.21
CA ARG A 33 2.71 6.13 -0.96
C ARG A 33 1.26 6.02 -1.43
N HIS A 34 0.69 4.82 -1.29
CA HIS A 34 -0.69 4.58 -1.70
C HIS A 34 -1.66 4.91 -0.56
N ARG A 35 -1.17 4.79 0.67
CA ARG A 35 -1.99 5.07 1.85
C ARG A 35 -2.64 6.44 1.74
N HIS A 36 -1.97 7.37 1.07
CA HIS A 36 -2.48 8.72 0.89
C HIS A 36 -3.87 8.70 0.29
N GLN A 37 -4.85 9.15 1.05
CA GLN A 37 -6.24 9.18 0.58
C GLN A 37 -6.36 9.95 -0.73
N SER A 38 -5.51 10.96 -0.89
CA SER A 38 -5.52 11.78 -2.10
C SER A 38 -5.24 10.94 -3.33
N ASP A 39 -4.20 10.10 -3.24
CA ASP A 39 -3.82 9.23 -4.34
C ASP A 39 -4.76 8.03 -4.44
N HIS A 40 -4.98 7.37 -3.30
CA HIS A 40 -5.84 6.20 -3.25
C HIS A 40 -7.24 6.54 -3.78
N GLU A 41 -7.68 7.77 -3.52
CA GLU A 41 -9.00 8.21 -3.95
C GLU A 41 -10.10 7.40 -3.29
N CYS A 42 -9.88 7.04 -2.03
CA CYS A 42 -10.85 6.26 -1.28
C CYS A 42 -12.25 6.87 -1.39
N GLU A 43 -13.21 6.07 -1.84
CA GLU A 43 -14.58 6.54 -1.99
C GLU A 43 -15.19 6.89 -0.64
N LYS A 44 -14.83 6.12 0.38
CA LYS A 44 -15.34 6.35 1.73
C LYS A 44 -14.36 7.20 2.54
N LEU A 45 -13.74 8.17 1.87
CA LEU A 45 -12.79 9.05 2.54
C LEU A 45 -13.40 9.69 3.78
ZN ZN B . 2.50 0.38 -3.31
ZN ZN C . -7.96 3.72 0.88
N GLY A 1 18.82 -17.47 -4.50
CA GLY A 1 17.70 -16.94 -3.76
C GLY A 1 17.88 -15.46 -3.45
N GLY A 2 16.77 -14.72 -3.45
CA GLY A 2 16.83 -13.30 -3.16
C GLY A 2 16.20 -12.95 -1.83
N SER A 3 15.94 -11.66 -1.62
CA SER A 3 15.33 -11.20 -0.38
C SER A 3 13.91 -11.75 -0.23
N THR A 4 13.28 -11.44 0.91
CA THR A 4 11.93 -11.90 1.18
C THR A 4 11.04 -10.76 1.66
N SER A 5 10.05 -10.40 0.85
CA SER A 5 9.13 -9.33 1.18
C SER A 5 7.80 -9.49 0.45
N TYR A 6 6.84 -8.65 0.80
CA TYR A 6 5.51 -8.69 0.18
C TYR A 6 4.89 -7.30 0.10
N PRO A 7 5.32 -6.52 -0.91
CA PRO A 7 4.81 -5.16 -1.12
C PRO A 7 3.36 -5.15 -1.58
N CYS A 8 2.82 -3.95 -1.77
CA CYS A 8 1.44 -3.80 -2.21
C CYS A 8 1.31 -4.02 -3.71
N SER A 9 0.08 -4.21 -4.18
CA SER A 9 -0.16 -4.43 -5.60
C SER A 9 -0.48 -3.12 -6.31
N PHE A 10 0.42 -2.72 -7.21
CA PHE A 10 0.25 -1.48 -7.96
C PHE A 10 1.38 -1.29 -8.97
N LYS A 11 1.07 -0.64 -10.08
CA LYS A 11 2.05 -0.39 -11.12
C LYS A 11 2.97 0.77 -10.74
N ASP A 12 2.42 1.73 -9.99
CA ASP A 12 3.19 2.89 -9.56
C ASP A 12 3.81 2.64 -8.19
N CYS A 13 3.91 1.38 -7.80
CA CYS A 13 4.48 1.01 -6.52
C CYS A 13 6.01 0.96 -6.60
N ALA A 14 6.66 1.75 -5.76
CA ALA A 14 8.12 1.80 -5.73
C ALA A 14 8.65 1.84 -4.30
N GLU A 15 7.95 1.14 -3.41
CA GLU A 15 8.35 1.10 -2.00
C GLU A 15 8.06 -0.28 -1.40
N ARG A 16 9.00 -0.76 -0.59
CA ARG A 16 8.87 -2.06 0.05
C ARG A 16 9.01 -1.95 1.56
N GLU A 17 8.03 -2.47 2.29
CA GLU A 17 8.06 -2.42 3.75
C GLU A 17 7.65 -3.76 4.35
N LEU A 18 8.17 -4.06 5.53
CA LEU A 18 7.87 -5.31 6.21
C LEU A 18 6.36 -5.53 6.30
N VAL A 19 5.65 -4.55 6.82
CA VAL A 19 4.20 -4.64 6.95
C VAL A 19 3.51 -3.41 6.33
N ALA A 20 2.56 -3.67 5.45
CA ALA A 20 1.83 -2.60 4.79
C ALA A 20 0.68 -2.09 5.65
N VAL A 21 0.41 -0.79 5.57
CA VAL A 21 -0.65 -0.18 6.36
C VAL A 21 -2.03 -0.58 5.82
N ILE A 22 -2.99 -0.70 6.73
CA ILE A 22 -4.35 -1.08 6.34
C ILE A 22 -5.25 0.15 6.24
N CYS A 23 -6.10 0.17 5.22
CA CYS A 23 -7.01 1.28 5.01
C CYS A 23 -8.23 1.17 5.93
N PRO A 24 -8.90 2.30 6.15
CA PRO A 24 -10.10 2.36 7.01
C PRO A 24 -11.29 1.65 6.39
N TYR A 25 -11.53 1.91 5.11
CA TYR A 25 -12.65 1.30 4.40
C TYR A 25 -12.17 0.16 3.49
N CYS A 26 -11.10 0.43 2.74
CA CYS A 26 -10.54 -0.56 1.83
C CYS A 26 -10.00 -1.76 2.60
N GLU A 27 -9.55 -1.51 3.83
CA GLU A 27 -9.01 -2.57 4.67
C GLU A 27 -7.98 -3.41 3.90
N LYS A 28 -7.24 -2.76 3.02
CA LYS A 28 -6.23 -3.44 2.21
C LYS A 28 -4.83 -3.01 2.63
N ASN A 29 -3.87 -3.91 2.47
CA ASN A 29 -2.48 -3.63 2.83
C ASN A 29 -1.78 -2.88 1.71
N PHE A 30 -1.31 -1.67 2.02
CA PHE A 30 -0.61 -0.85 1.04
C PHE A 30 0.51 -0.05 1.70
N CYS A 31 1.38 0.52 0.87
CA CYS A 31 2.50 1.31 1.38
C CYS A 31 2.03 2.69 1.85
N LEU A 32 2.96 3.48 2.37
CA LEU A 32 2.64 4.81 2.85
C LEU A 32 2.33 5.76 1.70
N ARG A 33 3.03 5.55 0.57
CA ARG A 33 2.83 6.39 -0.60
C ARG A 33 1.38 6.30 -1.09
N HIS A 34 0.86 5.09 -1.16
CA HIS A 34 -0.52 4.87 -1.62
C HIS A 34 -1.50 5.10 -0.48
N ARG A 35 -1.02 4.94 0.76
CA ARG A 35 -1.86 5.13 1.93
C ARG A 35 -2.57 6.48 1.89
N HIS A 36 -1.91 7.46 1.29
CA HIS A 36 -2.47 8.81 1.19
C HIS A 36 -3.85 8.76 0.54
N GLN A 37 -4.84 9.32 1.23
CA GLN A 37 -6.21 9.35 0.74
C GLN A 37 -6.27 9.98 -0.66
N SER A 38 -5.38 10.93 -0.91
CA SER A 38 -5.34 11.62 -2.19
C SER A 38 -4.77 10.70 -3.28
N ASP A 39 -3.82 9.86 -2.89
CA ASP A 39 -3.21 8.93 -3.82
C ASP A 39 -4.14 7.77 -4.13
N HIS A 40 -4.69 7.16 -3.08
CA HIS A 40 -5.60 6.03 -3.24
C HIS A 40 -6.94 6.49 -3.80
N GLU A 41 -7.36 7.70 -3.41
CA GLU A 41 -8.63 8.25 -3.88
C GLU A 41 -9.80 7.40 -3.39
N CYS A 42 -9.69 6.88 -2.18
CA CYS A 42 -10.73 6.05 -1.60
C CYS A 42 -12.10 6.73 -1.72
N GLU A 43 -13.15 5.92 -1.76
CA GLU A 43 -14.51 6.44 -1.87
C GLU A 43 -14.90 7.24 -0.63
N LYS A 44 -14.43 6.78 0.53
CA LYS A 44 -14.73 7.44 1.79
C LYS A 44 -13.61 8.42 2.16
N LEU A 45 -13.07 9.10 1.16
CA LEU A 45 -12.00 10.07 1.39
C LEU A 45 -12.39 11.07 2.47
ZN ZN B . 3.24 0.00 -2.88
ZN ZN C . -8.02 3.26 0.64
N GLY A 1 15.30 -18.64 -2.12
CA GLY A 1 16.26 -18.75 -1.04
C GLY A 1 17.08 -17.48 -0.85
N GLY A 2 16.41 -16.40 -0.46
CA GLY A 2 17.10 -15.14 -0.25
C GLY A 2 16.21 -14.08 0.36
N SER A 3 16.12 -12.93 -0.30
CA SER A 3 15.30 -11.83 0.19
C SER A 3 13.82 -12.20 0.16
N THR A 4 13.08 -11.76 1.16
CA THR A 4 11.65 -12.04 1.25
C THR A 4 10.86 -10.79 1.59
N SER A 5 9.79 -10.55 0.85
CA SER A 5 8.95 -9.38 1.07
C SER A 5 7.61 -9.52 0.33
N TYR A 6 6.71 -8.58 0.57
CA TYR A 6 5.40 -8.60 -0.07
C TYR A 6 4.82 -7.18 -0.16
N PRO A 7 5.27 -6.42 -1.16
CA PRO A 7 4.81 -5.05 -1.37
C PRO A 7 3.36 -4.99 -1.85
N CYS A 8 2.81 -3.78 -1.93
CA CYS A 8 1.44 -3.59 -2.38
C CYS A 8 1.32 -3.80 -3.89
N SER A 9 0.09 -3.95 -4.37
CA SER A 9 -0.16 -4.16 -5.79
C SER A 9 -0.42 -2.84 -6.50
N PHE A 10 0.49 -2.45 -7.38
CA PHE A 10 0.36 -1.21 -8.12
C PHE A 10 1.52 -1.03 -9.11
N LYS A 11 1.22 -0.47 -10.27
CA LYS A 11 2.24 -0.25 -11.29
C LYS A 11 3.13 0.93 -10.92
N ASP A 12 2.57 1.90 -10.21
CA ASP A 12 3.31 3.08 -9.78
C ASP A 12 3.90 2.88 -8.39
N CYS A 13 3.99 1.61 -7.97
CA CYS A 13 4.55 1.27 -6.66
C CYS A 13 6.07 1.20 -6.71
N ALA A 14 6.72 2.01 -5.88
CA ALA A 14 8.18 2.03 -5.83
C ALA A 14 8.67 2.00 -4.38
N GLU A 15 7.95 1.29 -3.52
CA GLU A 15 8.33 1.19 -2.12
C GLU A 15 8.10 -0.23 -1.60
N ARG A 16 8.95 -0.65 -0.67
CA ARG A 16 8.85 -1.99 -0.10
C ARG A 16 9.07 -1.95 1.41
N GLU A 17 8.07 -2.44 2.16
CA GLU A 17 8.14 -2.45 3.61
C GLU A 17 7.69 -3.79 4.16
N LEU A 18 8.09 -4.09 5.40
CA LEU A 18 7.73 -5.35 6.05
C LEU A 18 6.21 -5.52 6.09
N VAL A 19 5.53 -4.58 6.75
CA VAL A 19 4.08 -4.63 6.85
C VAL A 19 3.44 -3.38 6.24
N ALA A 20 2.49 -3.59 5.34
CA ALA A 20 1.80 -2.48 4.69
C ALA A 20 0.66 -1.96 5.56
N VAL A 21 0.43 -0.65 5.49
CA VAL A 21 -0.64 -0.02 6.27
C VAL A 21 -2.00 -0.45 5.76
N ILE A 22 -2.96 -0.55 6.69
CA ILE A 22 -4.32 -0.94 6.34
C ILE A 22 -5.24 0.26 6.26
N CYS A 23 -6.12 0.28 5.25
CA CYS A 23 -7.06 1.37 5.07
C CYS A 23 -8.25 1.23 6.01
N PRO A 24 -8.95 2.35 6.25
CA PRO A 24 -10.12 2.37 7.14
C PRO A 24 -11.31 1.65 6.53
N TYR A 25 -11.57 1.89 5.25
CA TYR A 25 -12.68 1.26 4.55
C TYR A 25 -12.19 0.16 3.61
N CYS A 26 -11.15 0.48 2.85
CA CYS A 26 -10.58 -0.49 1.90
C CYS A 26 -9.99 -1.68 2.65
N GLU A 27 -9.52 -1.44 3.87
CA GLU A 27 -8.94 -2.51 4.68
C GLU A 27 -7.92 -3.30 3.87
N LYS A 28 -7.22 -2.62 2.97
CA LYS A 28 -6.21 -3.27 2.14
C LYS A 28 -4.80 -2.87 2.58
N ASN A 29 -3.84 -3.74 2.32
CA ASN A 29 -2.45 -3.48 2.68
C ASN A 29 -1.73 -2.73 1.56
N PHE A 30 -1.29 -1.51 1.87
CA PHE A 30 -0.58 -0.69 0.89
C PHE A 30 0.53 0.12 1.56
N CYS A 31 1.39 0.71 0.75
CA CYS A 31 2.51 1.50 1.26
C CYS A 31 2.02 2.87 1.73
N LEU A 32 2.93 3.67 2.27
CA LEU A 32 2.60 4.99 2.77
C LEU A 32 2.29 5.94 1.62
N ARG A 33 3.00 5.76 0.51
CA ARG A 33 2.79 6.61 -0.67
C ARG A 33 1.36 6.52 -1.15
N HIS A 34 0.85 5.30 -1.27
CA HIS A 34 -0.52 5.07 -1.73
C HIS A 34 -1.52 5.27 -0.59
N ARG A 35 -1.05 5.10 0.64
CA ARG A 35 -1.89 5.26 1.81
C ARG A 35 -2.61 6.61 1.78
N HIS A 36 -1.96 7.61 1.20
CA HIS A 36 -2.53 8.95 1.10
C HIS A 36 -3.91 8.90 0.45
N GLN A 37 -4.88 9.57 1.07
CA GLN A 37 -6.24 9.60 0.56
C GLN A 37 -6.26 10.10 -0.88
N SER A 38 -5.34 11.00 -1.20
CA SER A 38 -5.25 11.57 -2.54
C SER A 38 -4.67 10.56 -3.52
N ASP A 39 -3.72 9.76 -3.04
CA ASP A 39 -3.07 8.75 -3.86
C ASP A 39 -4.02 7.59 -4.15
N HIS A 40 -4.65 7.07 -3.10
CA HIS A 40 -5.59 5.96 -3.24
C HIS A 40 -6.92 6.44 -3.82
N GLU A 41 -7.31 7.66 -3.47
CA GLU A 41 -8.56 8.23 -3.96
C GLU A 41 -9.76 7.42 -3.47
N CYS A 42 -9.67 6.94 -2.24
CA CYS A 42 -10.74 6.15 -1.66
C CYS A 42 -12.09 6.85 -1.81
N GLU A 43 -13.16 6.06 -1.82
CA GLU A 43 -14.50 6.60 -1.96
C GLU A 43 -15.04 7.10 -0.63
N LYS A 44 -14.71 6.39 0.44
CA LYS A 44 -15.15 6.76 1.78
C LYS A 44 -14.08 7.56 2.51
N LEU A 45 -13.37 8.39 1.77
CA LEU A 45 -12.31 9.22 2.34
C LEU A 45 -11.90 10.33 1.38
ZN ZN B . 3.29 0.23 -3.02
ZN ZN C . -8.12 3.35 0.69
#